data_7O0G
#
_entry.id   7O0G
#
_cell.length_a   105.028
_cell.length_b   105.028
_cell.length_c   253.525
_cell.angle_alpha   90.000
_cell.angle_beta   90.000
_cell.angle_gamma   90.000
#
_symmetry.space_group_name_H-M   'P 43 21 2'
#
loop_
_entity.id
_entity.type
_entity.pdbx_description
1 polymer Pr125Pol
2 polymer "RNA (5'-R(*UP*UP*CP*UP*UP*GP*UP*CP*CP*AP*GP*GP*AP*GP*AP*GP*G)-3')"
3 polymer "DNA (5'-D(*CP*CP*TP*CP*TP*CP*CP*TP*GP*GP*AP*CP*AP*AP*G)-3')"
4 water water
#
loop_
_entity_poly.entity_id
_entity_poly.type
_entity_poly.pdbx_seq_one_letter_code
_entity_poly.pdbx_strand_id
1 'polypeptide(L)'
;MTTPPLLQLPVEVKKTELNGFWDTGAQITCIPEAFLKEEIPIGEAQIKTLHGTKLQSVYYLKFKVLGRKVEAEVTTSPFD
YVIISPSDIPWYKPQPLELTVKLPVQDFKKELINKANINNEEKKQLAKLLDKYDVLWQQWENQVGHRKIPPHNIATGTVA
PRPQRQYHINTKAKPSIQQVIDDLLKQGVLIKQTSVMNTPIYPVPKPDGKWRMVLDYRAVNKTVPLIGAQNQHSLGILTN
LVRQKYKSTIDLSNGFWAHPITKDSQWITAFTWEGKQHVWTRLPQGFLNSPALFTADVVDLLKNIPGISVYVDDIYFSTE
TVSEHLKILEKVFKILLEAGYIVSLKKSALLRYEVTFLGFSITQTGRGLTSEFKDKIQNITSPRTLKELQSILGLFNFAR
NFVPNFSEIIKPLYSLISTAEGNNIKWTSEHTRYLEEIVSALNHAGNLEQRDNESPLVVKLNASPKTGYIRYYNKGGQKP
IAYASHVFTNTELKFTPLEKLLVTMHKALIKAIDLALGQPIEVYSPIISMQKLQKTPLPERKALSTRWITWLSYLEDPRI
TFYYDKTLPDLKNVPETVTDKKPKMLPIIEYAAVFYTNGSAIRSPDKNKSHSSGMGIVHAVFKPELTIEHQWSIPLGDHT
AQYAEISAVEFACKKANNISGPVLIVTNSDYVARSVNEELPFWRSNGFVNNKKKPLKHISKWKNISDSLLLKRDIIIVHE
PGHKPSYTSIHTQGNNLADKLATQGSYTVNNI
;
A
2 'polyribonucleotide' UUCUUGUCCAGGAGAGGG E
3 'polydeoxyribonucleotide' (DC)(DC)(DT)(DC)(DT)(DC)(DC)(DT)(DG)(DG)(DA)(DC)(DA)(DA)(DG) F
#
# COMPACT_ATOMS: atom_id res chain seq x y z
N PRO A 4 -2.46 -32.98 -23.22
CA PRO A 4 -1.12 -32.55 -23.65
C PRO A 4 -0.08 -32.32 -22.53
N PRO A 5 -0.45 -31.79 -21.34
CA PRO A 5 0.57 -31.58 -20.30
C PRO A 5 1.09 -32.88 -19.67
N LEU A 6 0.74 -34.04 -20.24
CA LEU A 6 1.28 -35.33 -19.83
C LEU A 6 0.98 -35.66 -18.36
N LEU A 7 1.82 -36.52 -17.77
CA LEU A 7 1.59 -37.01 -16.42
C LEU A 7 2.92 -37.48 -15.85
N GLN A 8 2.93 -37.70 -14.54
CA GLN A 8 4.09 -38.27 -13.85
C GLN A 8 3.87 -39.76 -13.65
N LEU A 9 4.87 -40.56 -14.00
CA LEU A 9 4.75 -42.00 -13.93
C LEU A 9 5.76 -42.60 -12.96
N PRO A 10 5.39 -43.65 -12.24
CA PRO A 10 6.32 -44.22 -11.25
C PRO A 10 7.40 -45.07 -11.89
N VAL A 11 8.54 -45.13 -11.19
CA VAL A 11 9.70 -45.87 -11.66
C VAL A 11 10.43 -46.42 -10.44
N GLU A 12 10.90 -47.67 -10.54
CA GLU A 12 11.64 -48.33 -9.48
C GLU A 12 13.06 -48.59 -9.94
N VAL A 13 14.04 -48.13 -9.16
CA VAL A 13 15.45 -48.31 -9.47
C VAL A 13 16.10 -49.00 -8.28
N LYS A 14 16.75 -50.14 -8.53
CA LYS A 14 17.41 -50.93 -7.49
C LYS A 14 16.45 -51.26 -6.34
N LYS A 15 15.25 -51.71 -6.72
CA LYS A 15 14.21 -52.12 -5.78
C LYS A 15 13.80 -50.98 -4.85
N THR A 16 13.87 -49.75 -5.32
CA THR A 16 13.44 -48.58 -4.57
C THR A 16 12.46 -47.77 -5.40
N GLU A 17 11.30 -47.46 -4.81
CA GLU A 17 10.28 -46.70 -5.54
C GLU A 17 10.74 -45.26 -5.75
N LEU A 18 10.40 -44.71 -6.92
CA LEU A 18 10.75 -43.34 -7.26
C LEU A 18 9.70 -42.77 -8.20
N ASN A 19 9.79 -41.47 -8.45
CA ASN A 19 8.86 -40.77 -9.32
C ASN A 19 9.59 -40.28 -10.56
N GLY A 20 9.06 -40.61 -11.73
CA GLY A 20 9.65 -40.24 -13.01
C GLY A 20 8.75 -39.30 -13.78
N PHE A 21 9.36 -38.37 -14.51
CA PHE A 21 8.63 -37.43 -15.35
C PHE A 21 9.00 -37.69 -16.81
N TRP A 22 7.99 -37.85 -17.65
CA TRP A 22 8.18 -38.08 -19.08
C TRP A 22 8.49 -36.75 -19.75
N ASP A 23 9.75 -36.56 -20.15
CA ASP A 23 10.24 -35.30 -20.67
C ASP A 23 10.46 -35.43 -22.18
N THR A 24 9.70 -34.67 -22.96
CA THR A 24 9.82 -34.74 -24.41
C THR A 24 11.11 -34.10 -24.90
N GLY A 25 11.66 -33.14 -24.15
CA GLY A 25 12.87 -32.47 -24.57
C GLY A 25 14.15 -33.19 -24.21
N ALA A 26 14.13 -34.04 -23.20
CA ALA A 26 15.34 -34.75 -22.79
C ALA A 26 15.71 -35.82 -23.81
N GLN A 27 16.95 -35.77 -24.29
CA GLN A 27 17.43 -36.78 -25.23
C GLN A 27 17.71 -38.11 -24.52
N ILE A 28 18.38 -38.06 -23.37
CA ILE A 28 18.71 -39.25 -22.61
C ILE A 28 18.18 -39.10 -21.19
N THR A 29 17.89 -40.24 -20.56
CA THR A 29 17.36 -40.26 -19.21
C THR A 29 18.45 -40.02 -18.18
N CYS A 30 18.06 -39.45 -17.04
CA CYS A 30 18.95 -39.14 -15.94
C CYS A 30 18.38 -39.72 -14.66
N ILE A 31 19.27 -40.15 -13.77
CA ILE A 31 18.89 -40.75 -12.50
C ILE A 31 19.72 -40.08 -11.41
N PRO A 32 19.21 -40.10 -10.16
CA PRO A 32 19.96 -39.47 -9.06
C PRO A 32 21.36 -40.03 -8.89
N GLU A 33 22.24 -39.21 -8.32
CA GLU A 33 23.65 -39.57 -8.21
C GLU A 33 23.89 -40.68 -7.20
N ALA A 34 23.08 -40.76 -6.15
CA ALA A 34 23.30 -41.74 -5.10
C ALA A 34 23.02 -43.17 -5.54
N PHE A 35 22.50 -43.37 -6.73
CA PHE A 35 22.13 -44.71 -7.21
C PHE A 35 23.20 -45.36 -8.07
N LEU A 36 24.01 -44.57 -8.77
CA LEU A 36 25.03 -45.08 -9.68
C LEU A 36 26.45 -44.95 -9.11
N LYS A 37 26.58 -44.76 -7.79
CA LYS A 37 27.89 -44.57 -7.20
C LYS A 37 28.73 -45.86 -7.24
N GLU A 38 28.07 -47.02 -7.21
CA GLU A 38 28.78 -48.30 -7.18
C GLU A 38 28.76 -49.02 -8.53
N GLU A 39 28.56 -48.29 -9.62
CA GLU A 39 28.50 -48.87 -10.96
C GLU A 39 29.62 -48.32 -11.83
N ILE A 40 29.99 -49.10 -12.83
CA ILE A 40 31.10 -48.76 -13.73
C ILE A 40 30.56 -47.91 -14.86
N PRO A 41 31.11 -46.73 -15.12
CA PRO A 41 30.63 -45.92 -16.24
C PRO A 41 31.08 -46.52 -17.56
N ILE A 42 30.17 -46.57 -18.53
CA ILE A 42 30.56 -46.83 -19.93
C ILE A 42 31.60 -45.80 -20.39
N GLY A 43 31.26 -44.52 -20.31
CA GLY A 43 32.19 -43.48 -20.70
C GLY A 43 31.69 -42.11 -20.33
N GLU A 44 32.02 -41.14 -21.19
CA GLU A 44 31.66 -39.74 -20.97
C GLU A 44 31.08 -39.16 -22.25
N ALA A 45 29.95 -38.47 -22.10
CA ALA A 45 29.28 -37.82 -23.22
C ALA A 45 28.80 -36.44 -22.79
N GLN A 46 28.79 -35.52 -23.75
CA GLN A 46 28.28 -34.18 -23.48
C GLN A 46 26.79 -34.24 -23.20
N ILE A 47 26.35 -33.63 -22.10
CA ILE A 47 24.96 -33.63 -21.69
C ILE A 47 24.48 -32.18 -21.61
N LYS A 48 23.42 -31.87 -22.33
CA LYS A 48 22.91 -30.50 -22.44
C LYS A 48 22.02 -30.20 -21.25
N THR A 49 22.54 -29.45 -20.30
CA THR A 49 21.78 -28.93 -19.17
C THR A 49 21.50 -27.45 -19.40
N LEU A 50 21.22 -26.72 -18.32
CA LEU A 50 21.11 -25.27 -18.39
C LEU A 50 22.34 -24.57 -17.84
N HIS A 51 23.21 -25.28 -17.14
CA HIS A 51 24.44 -24.70 -16.61
C HIS A 51 25.60 -24.87 -17.58
N THR A 53 26.20 -26.79 -20.21
CA THR A 53 26.15 -28.11 -20.84
C THR A 53 27.51 -28.79 -20.80
N LYS A 54 27.91 -29.25 -19.62
CA LYS A 54 29.20 -29.90 -19.42
C LYS A 54 28.97 -31.41 -19.33
N LEU A 55 29.93 -32.16 -19.87
CA LEU A 55 29.83 -33.62 -19.91
C LEU A 55 29.85 -34.22 -18.50
N GLN A 56 29.14 -35.33 -18.35
CA GLN A 56 29.13 -36.12 -17.13
C GLN A 56 29.30 -37.58 -17.52
N SER A 57 29.60 -38.43 -16.53
CA SER A 57 29.77 -39.84 -16.80
C SER A 57 28.43 -40.48 -17.13
N VAL A 58 28.39 -41.23 -18.23
CA VAL A 58 27.19 -41.94 -18.65
C VAL A 58 27.31 -43.39 -18.22
N TYR A 59 26.16 -44.05 -18.08
CA TYR A 59 26.09 -45.41 -17.56
C TYR A 59 25.06 -46.22 -18.35
N TYR A 60 25.00 -47.52 -18.04
CA TYR A 60 23.99 -48.43 -18.59
C TYR A 60 23.33 -49.14 -17.42
N LEU A 61 22.01 -48.95 -17.28
CA LEU A 61 21.30 -49.46 -16.12
C LEU A 61 20.00 -50.14 -16.54
N LYS A 62 19.56 -51.10 -15.72
CA LYS A 62 18.29 -51.78 -15.89
C LYS A 62 17.42 -51.51 -14.68
N PHE A 63 16.13 -51.25 -14.93
CA PHE A 63 15.21 -50.89 -13.85
C PHE A 63 13.79 -51.15 -14.32
N LYS A 64 12.87 -51.11 -13.37
CA LYS A 64 11.45 -51.37 -13.62
C LYS A 64 10.69 -50.05 -13.70
N VAL A 65 10.11 -49.78 -14.87
CA VAL A 65 9.28 -48.60 -15.09
C VAL A 65 7.84 -49.08 -15.21
N LEU A 66 7.00 -48.71 -14.22
CA LEU A 66 5.60 -49.11 -14.20
C LEU A 66 5.47 -50.64 -14.25
N GLY A 67 6.39 -51.33 -13.59
CA GLY A 67 6.43 -52.78 -13.60
C GLY A 67 6.96 -53.40 -14.88
N ARG A 68 7.65 -52.64 -15.73
CA ARG A 68 8.16 -53.12 -16.99
C ARG A 68 9.68 -53.00 -17.00
N LYS A 69 10.36 -54.07 -17.38
CA LYS A 69 11.81 -54.06 -17.44
C LYS A 69 12.30 -53.23 -18.62
N VAL A 70 13.24 -52.32 -18.36
CA VAL A 70 13.83 -51.49 -19.40
C VAL A 70 15.33 -51.42 -19.21
N GLU A 71 16.04 -51.18 -20.31
CA GLU A 71 17.49 -51.05 -20.32
C GLU A 71 17.85 -49.83 -21.15
N ALA A 72 18.71 -48.97 -20.61
CA ALA A 72 18.93 -47.68 -21.26
C ALA A 72 20.24 -47.06 -20.80
N GLU A 73 20.75 -46.14 -21.61
CA GLU A 73 21.89 -45.31 -21.23
C GLU A 73 21.43 -44.20 -20.30
N VAL A 74 22.19 -44.00 -19.21
CA VAL A 74 21.82 -43.06 -18.17
C VAL A 74 23.03 -42.22 -17.77
N THR A 75 22.75 -41.10 -17.11
CA THR A 75 23.79 -40.23 -16.57
C THR A 75 23.38 -39.77 -15.18
N THR A 76 24.32 -39.19 -14.46
CA THR A 76 24.08 -38.77 -13.09
C THR A 76 23.22 -37.50 -13.05
N SER A 77 22.62 -37.25 -11.88
CA SER A 77 21.72 -36.11 -11.72
C SER A 77 21.68 -35.74 -10.24
N PRO A 78 21.61 -34.46 -9.90
CA PRO A 78 21.48 -34.06 -8.49
C PRO A 78 20.06 -34.11 -7.97
N PHE A 79 19.09 -34.45 -8.81
CA PHE A 79 17.68 -34.45 -8.44
C PHE A 79 17.33 -35.66 -7.60
N ASP A 80 16.20 -35.56 -6.90
CA ASP A 80 15.62 -36.67 -6.15
C ASP A 80 14.59 -37.46 -6.94
N TYR A 81 14.41 -37.12 -8.22
CA TYR A 81 13.48 -37.80 -9.12
C TYR A 81 14.20 -38.23 -10.39
N VAL A 82 13.52 -39.06 -11.17
CA VAL A 82 14.06 -39.63 -12.41
C VAL A 82 13.48 -38.90 -13.60
N ILE A 83 14.34 -38.58 -14.57
CA ILE A 83 13.93 -38.04 -15.85
C ILE A 83 14.01 -39.17 -16.87
N ILE A 84 12.97 -39.31 -17.70
CA ILE A 84 12.89 -40.40 -18.67
C ILE A 84 12.73 -39.81 -20.06
N SER A 85 13.63 -40.19 -20.97
CA SER A 85 13.49 -39.84 -22.36
C SER A 85 12.40 -40.68 -23.01
N PRO A 86 11.64 -40.12 -23.96
CA PRO A 86 10.57 -40.91 -24.59
C PRO A 86 11.11 -42.02 -25.47
N SER A 87 12.32 -41.86 -26.02
CA SER A 87 12.87 -42.88 -26.91
C SER A 87 13.10 -44.19 -26.18
N ASP A 88 13.47 -44.13 -24.89
CA ASP A 88 13.86 -45.33 -24.18
C ASP A 88 12.69 -46.23 -23.84
N ILE A 89 11.47 -45.69 -23.81
CA ILE A 89 10.28 -46.49 -23.59
C ILE A 89 9.26 -46.26 -24.70
N PRO A 90 9.55 -46.73 -25.93
CA PRO A 90 8.58 -46.52 -27.02
C PRO A 90 7.27 -47.26 -26.81
N TRP A 91 7.24 -48.24 -25.91
CA TRP A 91 5.99 -48.92 -25.60
C TRP A 91 5.03 -48.02 -24.84
N TYR A 92 5.55 -47.06 -24.09
CA TYR A 92 4.70 -46.20 -23.26
C TYR A 92 4.05 -45.13 -24.12
N LYS A 93 2.74 -44.92 -23.90
CA LYS A 93 1.98 -43.88 -24.55
C LYS A 93 1.58 -42.85 -23.52
N PRO A 94 1.82 -41.56 -23.75
CA PRO A 94 1.52 -40.55 -22.73
C PRO A 94 0.02 -40.41 -22.49
N GLN A 95 -0.36 -40.35 -21.22
CA GLN A 95 -1.74 -40.19 -20.84
C GLN A 95 -1.95 -38.79 -20.28
N PRO A 96 -2.84 -37.98 -20.86
CA PRO A 96 -3.02 -36.61 -20.39
C PRO A 96 -3.54 -36.58 -18.95
N LEU A 97 -3.12 -35.53 -18.23
CA LEU A 97 -3.57 -35.36 -16.86
C LEU A 97 -5.06 -35.05 -16.82
N GLU A 98 -5.71 -35.47 -15.74
CA GLU A 98 -7.14 -35.25 -15.55
C GLU A 98 -7.36 -34.57 -14.21
N LEU A 99 -7.94 -33.38 -14.22
CA LEU A 99 -8.23 -32.65 -12.99
C LEU A 99 -9.72 -32.35 -12.87
N THR A 100 -10.09 -31.33 -12.09
CA THR A 100 -11.49 -31.12 -11.76
C THR A 100 -12.22 -30.27 -12.81
N VAL A 101 -11.62 -29.15 -13.23
CA VAL A 101 -12.27 -28.26 -14.18
C VAL A 101 -11.23 -27.68 -15.12
N LYS A 102 -11.54 -27.69 -16.41
CA LYS A 102 -10.64 -27.21 -17.45
C LYS A 102 -10.80 -25.71 -17.65
N LEU A 103 -9.75 -25.08 -18.18
CA LEU A 103 -9.73 -23.65 -18.44
C LEU A 103 -9.99 -23.35 -19.91
N PRO A 104 -10.66 -22.25 -20.21
CA PRO A 104 -10.81 -21.84 -21.62
C PRO A 104 -9.51 -21.28 -22.17
N VAL A 105 -8.50 -22.14 -22.31
CA VAL A 105 -7.19 -21.67 -22.73
C VAL A 105 -7.24 -21.13 -24.16
N GLN A 106 -8.06 -21.74 -25.02
CA GLN A 106 -8.23 -21.22 -26.36
C GLN A 106 -8.86 -19.83 -26.35
N ASP A 107 -9.77 -19.58 -25.41
CA ASP A 107 -10.35 -18.26 -25.28
C ASP A 107 -9.33 -17.27 -24.71
N PHE A 108 -8.50 -17.73 -23.77
CA PHE A 108 -7.44 -16.86 -23.23
C PHE A 108 -6.47 -16.45 -24.32
N LYS A 109 -6.18 -17.37 -25.26
CA LYS A 109 -5.29 -17.06 -26.37
C LYS A 109 -5.88 -15.96 -27.25
N LYS A 110 -7.19 -16.05 -27.53
CA LYS A 110 -7.82 -15.06 -28.40
C LYS A 110 -7.96 -13.71 -27.70
N GLU A 111 -8.17 -13.70 -26.38
CA GLU A 111 -8.23 -12.44 -25.65
C GLU A 111 -6.89 -11.73 -25.67
N LEU A 112 -5.79 -12.49 -25.68
CA LEU A 112 -4.47 -11.88 -25.64
C LEU A 112 -4.06 -11.34 -27.00
N ILE A 113 -4.56 -11.93 -28.09
CA ILE A 113 -4.22 -11.43 -29.41
C ILE A 113 -5.11 -10.25 -29.79
N ASN A 114 -6.37 -10.24 -29.33
CA ASN A 114 -7.28 -9.15 -29.67
C ASN A 114 -6.90 -7.88 -28.93
N LYS A 115 -6.72 -7.97 -27.61
CA LYS A 115 -6.28 -6.82 -26.84
C LYS A 115 -4.81 -6.50 -27.03
N ALA A 116 -4.10 -7.27 -27.86
CA ALA A 116 -2.75 -6.89 -28.26
C ALA A 116 -2.81 -5.70 -29.19
N ASN A 117 -1.89 -4.76 -29.02
CA ASN A 117 -1.92 -3.48 -29.71
C ASN A 117 -0.85 -3.45 -30.80
N ILE A 118 -1.11 -4.21 -31.86
CA ILE A 118 -0.24 -4.31 -33.02
C ILE A 118 -1.11 -4.35 -34.28
N ASN A 119 -0.47 -4.23 -35.44
CA ASN A 119 -1.22 -4.37 -36.67
C ASN A 119 -1.55 -5.85 -36.91
N ASN A 120 -2.42 -6.10 -37.89
CA ASN A 120 -2.92 -7.46 -38.10
C ASN A 120 -1.81 -8.41 -38.53
N GLU A 121 -0.82 -7.92 -39.29
CA GLU A 121 0.25 -8.79 -39.74
C GLU A 121 1.10 -9.30 -38.58
N GLU A 122 1.29 -8.48 -37.54
CA GLU A 122 2.06 -8.91 -36.37
C GLU A 122 1.24 -9.83 -35.45
N LYS A 123 -0.08 -9.70 -35.47
CA LYS A 123 -0.93 -10.59 -34.69
C LYS A 123 -0.81 -12.04 -35.17
N LYS A 124 -0.64 -12.23 -36.47
CA LYS A 124 -0.52 -13.60 -37.00
C LYS A 124 0.76 -14.26 -36.51
N GLN A 125 1.85 -13.50 -36.42
CA GLN A 125 3.11 -14.06 -35.92
C GLN A 125 2.99 -14.45 -34.46
N LEU A 126 2.35 -13.59 -33.65
CA LEU A 126 2.23 -13.87 -32.22
C LEU A 126 1.26 -15.02 -31.98
N ALA A 127 0.21 -15.13 -32.81
CA ALA A 127 -0.75 -16.21 -32.64
C ALA A 127 -0.10 -17.57 -32.88
N LYS A 128 0.78 -17.65 -33.89
CA LYS A 128 1.50 -18.90 -34.12
C LYS A 128 2.47 -19.18 -32.98
N LEU A 129 3.03 -18.14 -32.36
CA LEU A 129 3.93 -18.34 -31.23
C LEU A 129 3.16 -18.89 -30.03
N LEU A 130 1.98 -18.34 -29.76
CA LEU A 130 1.18 -18.82 -28.63
C LEU A 130 0.74 -20.27 -28.85
N ASP A 131 0.35 -20.60 -30.09
CA ASP A 131 -0.05 -21.97 -30.39
C ASP A 131 1.11 -22.94 -30.25
N LYS A 132 2.33 -22.47 -30.52
CA LYS A 132 3.48 -23.37 -30.47
C LYS A 132 3.83 -23.76 -29.03
N TYR A 133 3.73 -22.81 -28.11
CA TYR A 133 3.98 -23.09 -26.70
C TYR A 133 2.70 -23.45 -25.94
N ASP A 134 1.85 -24.29 -26.54
CA ASP A 134 0.60 -24.66 -25.88
C ASP A 134 0.83 -25.46 -24.60
N VAL A 135 1.93 -26.22 -24.53
CA VAL A 135 2.22 -26.99 -23.34
C VAL A 135 2.55 -26.11 -22.14
N LEU A 136 2.98 -24.86 -22.39
CA LEU A 136 3.39 -24.00 -21.28
C LEU A 136 2.19 -23.47 -20.51
N TRP A 137 1.12 -23.09 -21.21
CA TRP A 137 -0.01 -22.44 -20.55
C TRP A 137 -0.75 -23.41 -19.65
N GLN A 138 -1.22 -22.90 -18.52
CA GLN A 138 -2.03 -23.69 -17.59
C GLN A 138 -3.36 -24.03 -18.24
N GLN A 139 -3.63 -25.33 -18.39
CA GLN A 139 -4.84 -25.80 -19.03
C GLN A 139 -5.85 -26.37 -18.05
N TRP A 140 -5.60 -26.26 -16.75
CA TRP A 140 -6.47 -26.85 -15.74
C TRP A 140 -6.39 -26.03 -14.47
N GLU A 141 -7.52 -25.93 -13.78
CA GLU A 141 -7.54 -25.22 -12.49
C GLU A 141 -6.71 -25.97 -11.46
N ASN A 142 -5.96 -25.23 -10.66
CA ASN A 142 -5.08 -25.79 -9.63
C ASN A 142 -4.03 -26.72 -10.22
N GLN A 143 -3.63 -26.47 -11.48
CA GLN A 143 -2.54 -27.21 -12.07
C GLN A 143 -1.21 -26.71 -11.54
N VAL A 144 -0.26 -27.63 -11.39
CA VAL A 144 1.05 -27.29 -10.85
C VAL A 144 2.12 -27.76 -11.81
N GLY A 145 3.22 -27.00 -11.88
CA GLY A 145 4.36 -27.38 -12.67
C GLY A 145 5.34 -28.22 -11.89
N HIS A 146 6.42 -28.62 -12.57
CA HIS A 146 7.47 -29.44 -11.99
C HIS A 146 8.82 -28.79 -12.32
N ARG A 147 9.35 -28.01 -11.37
CA ARG A 147 10.61 -27.31 -11.59
C ARG A 147 11.79 -28.28 -11.46
N LYS A 148 12.72 -28.18 -12.42
CA LYS A 148 13.87 -29.08 -12.47
C LYS A 148 15.01 -28.50 -11.63
N ILE A 149 14.86 -28.62 -10.31
CA ILE A 149 15.86 -28.14 -9.38
C ILE A 149 16.02 -29.16 -8.26
N PRO A 150 17.19 -29.17 -7.60
CA PRO A 150 17.33 -29.93 -6.36
C PRO A 150 16.30 -29.47 -5.35
N PRO A 151 15.61 -30.40 -4.68
CA PRO A 151 14.54 -30.01 -3.75
C PRO A 151 15.06 -29.13 -2.62
N HIS A 152 14.16 -28.33 -2.08
CA HIS A 152 14.50 -27.38 -1.04
C HIS A 152 14.41 -28.03 0.34
N ASN A 153 15.48 -27.94 1.11
CA ASN A 153 15.43 -28.29 2.52
C ASN A 153 14.89 -27.08 3.28
N ILE A 154 13.65 -27.17 3.75
CA ILE A 154 13.01 -26.04 4.41
C ILE A 154 12.97 -26.19 5.92
N ALA A 155 13.09 -27.42 6.45
CA ALA A 155 13.12 -27.64 7.90
C ALA A 155 14.53 -27.37 8.44
N THR A 156 14.97 -26.12 8.26
CA THR A 156 16.32 -25.70 8.64
C THR A 156 16.40 -25.16 10.06
N GLY A 157 15.37 -25.35 10.87
CA GLY A 157 15.42 -24.91 12.24
C GLY A 157 16.10 -25.93 13.14
N THR A 158 16.72 -25.44 14.21
CA THR A 158 17.37 -26.29 15.18
C THR A 158 16.43 -26.71 16.31
N VAL A 159 15.13 -26.51 16.15
CA VAL A 159 14.16 -26.93 17.15
C VAL A 159 12.82 -27.10 16.46
N ALA A 160 11.96 -27.94 17.04
CA ALA A 160 10.68 -28.20 16.39
C ALA A 160 9.55 -27.45 17.08
N PRO A 161 8.57 -26.98 16.33
CA PRO A 161 7.38 -26.36 16.94
C PRO A 161 6.42 -27.40 17.46
N ARG A 162 5.59 -26.98 18.41
CA ARG A 162 4.62 -27.87 19.03
C ARG A 162 3.45 -28.13 18.08
N PRO A 163 2.90 -29.34 18.06
CA PRO A 163 1.70 -29.58 17.24
C PRO A 163 0.53 -28.74 17.72
N GLN A 164 -0.25 -28.23 16.75
CA GLN A 164 -1.33 -27.29 17.03
C GLN A 164 -2.68 -27.97 16.82
N ARG A 165 -3.55 -27.85 17.82
CA ARG A 165 -4.92 -28.35 17.71
C ARG A 165 -5.65 -27.66 16.57
N GLN A 166 -6.57 -28.39 15.94
CA GLN A 166 -7.30 -27.88 14.79
C GLN A 166 -8.79 -27.80 15.13
N TYR A 167 -9.35 -26.61 14.96
CA TYR A 167 -10.76 -26.37 15.25
C TYR A 167 -11.61 -26.56 13.99
N HIS A 168 -12.91 -26.71 14.21
CA HIS A 168 -13.83 -26.85 13.09
C HIS A 168 -14.00 -25.52 12.37
N ILE A 169 -14.35 -25.60 11.08
CA ILE A 169 -14.48 -24.42 10.23
C ILE A 169 -15.82 -24.47 9.51
N ASN A 170 -16.10 -23.40 8.76
CA ASN A 170 -17.40 -23.26 8.10
C ASN A 170 -17.61 -24.39 7.10
N THR A 171 -18.86 -24.86 7.02
CA THR A 171 -19.16 -26.02 6.17
C THR A 171 -19.18 -25.67 4.70
N LYS A 172 -19.57 -24.43 4.34
CA LYS A 172 -19.63 -24.06 2.93
C LYS A 172 -18.24 -23.95 2.31
N ALA A 173 -17.24 -23.55 3.09
CA ALA A 173 -15.89 -23.53 2.56
C ALA A 173 -15.32 -24.94 2.38
N LYS A 174 -15.84 -25.91 3.14
CA LYS A 174 -15.23 -27.24 3.16
C LYS A 174 -15.24 -27.91 1.79
N PRO A 175 -16.34 -27.93 1.01
CA PRO A 175 -16.30 -28.62 -0.29
C PRO A 175 -15.58 -27.81 -1.36
N SER A 176 -15.55 -26.48 -1.21
CA SER A 176 -14.77 -25.67 -2.13
C SER A 176 -13.27 -25.91 -1.95
N ILE A 177 -12.85 -26.22 -0.72
CA ILE A 177 -11.46 -26.57 -0.49
C ILE A 177 -11.20 -28.01 -0.88
N GLN A 178 -12.22 -28.88 -0.81
CA GLN A 178 -12.02 -30.26 -1.18
C GLN A 178 -11.71 -30.42 -2.67
N GLN A 179 -12.22 -29.50 -3.51
CA GLN A 179 -11.94 -29.59 -4.93
C GLN A 179 -10.47 -29.34 -5.24
N VAL A 180 -9.84 -28.41 -4.52
CA VAL A 180 -8.44 -28.14 -4.77
C VAL A 180 -7.54 -29.16 -4.06
N ILE A 181 -7.98 -29.69 -2.91
CA ILE A 181 -7.19 -30.71 -2.22
C ILE A 181 -7.05 -31.96 -3.08
N ASP A 182 -8.15 -32.40 -3.69
CA ASP A 182 -8.08 -33.57 -4.57
C ASP A 182 -7.21 -33.29 -5.79
N ASP A 183 -7.23 -32.06 -6.30
CA ASP A 183 -6.39 -31.71 -7.44
C ASP A 183 -4.91 -31.79 -7.10
N LEU A 184 -4.53 -31.34 -5.90
CA LEU A 184 -3.14 -31.42 -5.49
C LEU A 184 -2.73 -32.84 -5.11
N LEU A 185 -3.68 -33.69 -4.76
CA LEU A 185 -3.37 -35.10 -4.49
C LEU A 185 -3.08 -35.85 -5.79
N LYS A 186 -3.92 -35.65 -6.81
CA LYS A 186 -3.77 -36.38 -8.06
C LYS A 186 -2.50 -35.98 -8.81
N GLN A 187 -1.89 -34.86 -8.46
CA GLN A 187 -0.61 -34.46 -9.05
C GLN A 187 0.58 -34.81 -8.17
N GLY A 188 0.35 -35.43 -7.02
CA GLY A 188 1.44 -35.83 -6.15
C GLY A 188 1.99 -34.74 -5.27
N VAL A 189 1.34 -33.57 -5.21
CA VAL A 189 1.82 -32.50 -4.35
C VAL A 189 1.48 -32.80 -2.90
N LEU A 190 0.26 -33.25 -2.64
CA LEU A 190 -0.15 -33.68 -1.31
C LEU A 190 -0.17 -35.20 -1.27
N ILE A 191 0.42 -35.77 -0.22
CA ILE A 191 0.33 -37.19 0.06
C ILE A 191 -0.23 -37.37 1.46
N LYS A 192 -1.14 -38.33 1.62
CA LYS A 192 -1.73 -38.59 2.93
C LYS A 192 -0.71 -39.30 3.80
N GLN A 193 -0.14 -38.57 4.77
CA GLN A 193 0.92 -39.09 5.62
C GLN A 193 0.87 -38.36 6.94
N THR A 194 1.06 -39.10 8.03
CA THR A 194 1.07 -38.51 9.36
C THR A 194 2.44 -37.95 9.70
N SER A 195 2.45 -36.96 10.59
CA SER A 195 3.68 -36.33 11.01
C SER A 195 3.52 -35.83 12.45
N VAL A 196 4.67 -35.61 13.11
CA VAL A 196 4.64 -35.13 14.48
C VAL A 196 4.04 -33.73 14.55
N MET A 197 4.39 -32.88 13.60
CA MET A 197 3.90 -31.51 13.55
C MET A 197 2.55 -31.44 12.83
N ASN A 198 1.74 -30.46 13.22
CA ASN A 198 0.46 -30.21 12.57
C ASN A 198 0.13 -28.73 12.71
N THR A 199 -0.30 -28.12 11.61
CA THR A 199 -0.60 -26.69 11.59
C THR A 199 -2.08 -26.45 11.34
N PRO A 200 -2.66 -25.40 11.94
CA PRO A 200 -4.08 -25.14 11.73
C PRO A 200 -4.35 -24.61 10.33
N ILE A 201 -5.61 -24.72 9.93
CA ILE A 201 -6.06 -24.25 8.62
C ILE A 201 -7.39 -23.55 8.80
N TYR A 202 -7.54 -22.38 8.19
CA TYR A 202 -8.79 -21.63 8.21
C TYR A 202 -9.05 -21.07 6.83
N PRO A 203 -10.32 -20.87 6.47
CA PRO A 203 -10.64 -20.40 5.11
C PRO A 203 -11.01 -18.93 5.03
N VAL A 204 -10.50 -18.25 4.02
CA VAL A 204 -10.84 -16.85 3.73
C VAL A 204 -11.88 -16.85 2.62
N PRO A 205 -12.98 -16.11 2.75
CA PRO A 205 -14.04 -16.17 1.73
C PRO A 205 -13.61 -15.51 0.43
N LYS A 206 -13.67 -16.28 -0.66
CA LYS A 206 -13.45 -15.73 -1.97
C LYS A 206 -14.67 -14.91 -2.41
N PRO A 207 -14.48 -13.96 -3.32
CA PRO A 207 -15.63 -13.17 -3.79
C PRO A 207 -16.68 -14.00 -4.53
N ASP A 208 -16.39 -15.26 -4.85
CA ASP A 208 -17.36 -16.14 -5.49
C ASP A 208 -17.94 -17.12 -4.48
N TRP A 211 -14.57 -20.03 -1.75
CA TRP A 211 -13.66 -19.60 -0.70
C TRP A 211 -12.20 -19.79 -1.11
N ARG A 212 -11.33 -19.82 -0.11
CA ARG A 212 -9.90 -20.08 -0.31
C ARG A 212 -9.35 -20.64 0.99
N MET A 213 -8.14 -21.19 0.90
CA MET A 213 -7.51 -21.91 1.99
C MET A 213 -6.21 -21.24 2.39
N VAL A 214 -6.08 -20.94 3.69
CA VAL A 214 -4.89 -20.32 4.25
C VAL A 214 -4.30 -21.27 5.30
N LEU A 215 -2.97 -21.36 5.33
CA LEU A 215 -2.26 -22.28 6.22
C LEU A 215 -1.55 -21.46 7.31
N ASP A 216 -2.09 -21.52 8.52
CA ASP A 216 -1.52 -20.79 9.65
C ASP A 216 -0.20 -21.46 10.05
N TYR A 217 0.91 -20.83 9.68
CA TYR A 217 2.24 -21.40 9.87
C TYR A 217 3.05 -20.63 10.91
N ARG A 218 2.38 -19.99 11.86
CA ARG A 218 3.08 -19.13 12.81
C ARG A 218 4.05 -19.92 13.68
N ALA A 219 3.64 -21.09 14.17
CA ALA A 219 4.51 -21.88 15.01
C ALA A 219 5.70 -22.42 14.24
N VAL A 220 5.49 -22.76 12.96
CA VAL A 220 6.59 -23.25 12.12
C VAL A 220 7.54 -22.11 11.80
N ASN A 221 7.02 -20.95 11.41
CA ASN A 221 7.86 -19.83 11.03
C ASN A 221 8.67 -19.27 12.19
N LYS A 222 8.19 -19.44 13.43
CA LYS A 222 8.94 -18.99 14.59
C LYS A 222 10.23 -19.77 14.79
N THR A 223 10.41 -20.90 14.10
CA THR A 223 11.59 -21.73 14.26
C THR A 223 12.50 -21.74 13.04
N VAL A 224 11.99 -21.48 11.86
CA VAL A 224 12.80 -21.56 10.65
C VAL A 224 13.54 -20.24 10.45
N PRO A 225 14.84 -20.24 10.22
CA PRO A 225 15.55 -18.99 10.02
C PRO A 225 15.29 -18.42 8.63
N LEU A 226 15.57 -17.12 8.51
CA LEU A 226 15.41 -16.44 7.24
C LEU A 226 16.45 -16.94 6.25
N ILE A 227 16.02 -17.13 5.00
CA ILE A 227 16.96 -17.51 3.95
C ILE A 227 17.89 -16.33 3.66
N GLY A 228 19.08 -16.63 3.14
CA GLY A 228 20.04 -15.59 2.85
C GLY A 228 19.62 -14.65 1.73
N ALA A 229 18.73 -15.10 0.85
CA ALA A 229 18.30 -14.28 -0.27
C ALA A 229 17.35 -13.18 0.20
N GLN A 230 17.74 -11.94 -0.02
CA GLN A 230 16.88 -10.80 0.31
C GLN A 230 15.69 -10.77 -0.65
N ASN A 231 14.60 -10.15 -0.19
CA ASN A 231 13.38 -10.03 -0.97
C ASN A 231 13.25 -8.61 -1.52
N GLN A 232 12.79 -8.51 -2.77
CA GLN A 232 12.70 -7.22 -3.44
C GLN A 232 11.62 -6.35 -2.81
N HIS A 233 11.77 -5.04 -3.00
CA HIS A 233 10.82 -4.06 -2.53
C HIS A 233 9.98 -3.57 -3.71
N SER A 234 8.67 -3.46 -3.50
CA SER A 234 7.77 -3.09 -4.59
C SER A 234 8.09 -1.71 -5.15
N LEU A 235 8.37 -0.75 -4.27
CA LEU A 235 8.67 0.60 -4.73
C LEU A 235 9.97 0.64 -5.53
N GLY A 236 10.91 -0.23 -5.21
CA GLY A 236 12.19 -0.21 -5.91
C GLY A 236 12.11 -0.75 -7.33
N ILE A 237 11.41 -1.88 -7.50
CA ILE A 237 11.34 -2.50 -8.82
C ILE A 237 10.45 -1.69 -9.74
N LEU A 238 9.50 -0.92 -9.20
CA LEU A 238 8.65 -0.09 -10.03
C LEU A 238 9.39 1.14 -10.54
N THR A 239 10.29 1.69 -9.72
CA THR A 239 11.10 2.82 -10.16
C THR A 239 12.18 2.37 -11.15
N ASN A 240 12.82 1.23 -10.88
CA ASN A 240 13.96 0.77 -11.65
C ASN A 240 13.59 0.03 -12.92
N LEU A 241 12.30 -0.07 -13.27
CA LEU A 241 11.94 -0.77 -14.49
C LEU A 241 12.11 0.16 -15.70
N VAL A 242 12.10 -0.45 -16.88
CA VAL A 242 12.23 0.27 -18.14
C VAL A 242 10.84 0.51 -18.71
N ARG A 243 10.62 1.70 -19.26
CA ARG A 243 9.32 2.10 -19.79
C ARG A 243 9.45 2.29 -21.29
N GLN A 244 9.24 1.21 -22.04
CA GLN A 244 9.24 1.25 -23.49
C GLN A 244 7.79 1.27 -23.98
N LYS A 245 7.63 1.40 -25.30
CA LYS A 245 6.29 1.43 -25.88
C LYS A 245 5.62 0.06 -25.83
N TYR A 246 6.32 -0.96 -26.32
CA TYR A 246 5.79 -2.32 -26.36
C TYR A 246 6.20 -3.04 -25.07
N LYS A 247 5.22 -3.33 -24.21
CA LYS A 247 5.48 -3.95 -22.92
C LYS A 247 4.50 -5.09 -22.69
N SER A 248 4.88 -6.00 -21.80
CA SER A 248 4.08 -7.18 -21.50
C SER A 248 4.41 -7.70 -20.11
N THR A 249 3.43 -8.34 -19.48
CA THR A 249 3.60 -8.98 -18.19
C THR A 249 3.16 -10.44 -18.26
N ILE A 250 3.96 -11.33 -17.71
CA ILE A 250 3.70 -12.77 -17.71
C ILE A 250 3.47 -13.20 -16.27
N ASP A 251 2.53 -14.12 -16.07
CA ASP A 251 2.14 -14.58 -14.75
C ASP A 251 2.42 -16.07 -14.61
N LEU A 252 3.15 -16.44 -13.56
CA LEU A 252 3.41 -17.83 -13.24
C LEU A 252 2.36 -18.31 -12.25
N SER A 253 1.57 -19.31 -12.65
CA SER A 253 0.48 -19.79 -11.83
C SER A 253 1.00 -20.83 -10.83
N ASN A 254 0.87 -20.51 -9.54
CA ASN A 254 1.27 -21.40 -8.45
C ASN A 254 2.74 -21.79 -8.57
N GLY A 255 3.60 -20.78 -8.67
CA GLY A 255 5.04 -21.03 -8.70
C GLY A 255 5.53 -21.70 -7.43
N PHE A 256 4.86 -21.45 -6.30
CA PHE A 256 5.23 -22.11 -5.05
C PHE A 256 5.11 -23.62 -5.19
N TRP A 257 4.01 -24.09 -5.78
CA TRP A 257 3.72 -25.51 -5.87
C TRP A 257 4.46 -26.21 -6.99
N ALA A 258 5.39 -25.53 -7.67
CA ALA A 258 6.21 -26.15 -8.70
C ALA A 258 7.61 -26.50 -8.21
N HIS A 259 8.01 -25.96 -7.06
CA HIS A 259 9.34 -26.19 -6.49
C HIS A 259 9.27 -27.31 -5.49
N PRO A 260 9.91 -28.46 -5.73
CA PRO A 260 9.84 -29.56 -4.76
C PRO A 260 10.71 -29.29 -3.53
N ILE A 261 10.38 -29.99 -2.45
CA ILE A 261 11.14 -29.92 -1.21
C ILE A 261 11.65 -31.32 -0.86
N THR A 262 12.74 -31.36 -0.09
CA THR A 262 13.40 -32.62 0.25
C THR A 262 12.50 -33.48 1.13
N LYS A 263 12.63 -34.80 0.99
CA LYS A 263 11.80 -35.72 1.75
C LYS A 263 12.01 -35.55 3.25
N ASP A 264 13.24 -35.24 3.66
CA ASP A 264 13.54 -35.05 5.08
C ASP A 264 12.99 -33.75 5.65
N SER A 265 12.36 -32.90 4.84
CA SER A 265 11.78 -31.66 5.31
C SER A 265 10.26 -31.59 5.19
N GLN A 266 9.63 -32.58 4.55
CA GLN A 266 8.18 -32.55 4.35
C GLN A 266 7.41 -32.69 5.65
N TRP A 267 8.05 -33.19 6.72
CA TRP A 267 7.33 -33.43 7.96
C TRP A 267 6.77 -32.15 8.55
N ILE A 268 7.44 -31.02 8.31
CA ILE A 268 7.04 -29.76 8.92
C ILE A 268 5.80 -29.15 8.26
N THR A 269 5.48 -29.56 7.04
CA THR A 269 4.38 -28.98 6.28
C THR A 269 3.06 -29.71 6.50
N ALA A 270 2.91 -30.42 7.61
CA ALA A 270 1.72 -31.23 7.81
C ALA A 270 0.55 -30.39 8.30
N PHE A 271 -0.66 -30.86 7.99
CA PHE A 271 -1.89 -30.21 8.45
C PHE A 271 -3.01 -31.24 8.39
N THR A 272 -3.91 -31.18 9.37
CA THR A 272 -5.02 -32.12 9.45
C THR A 272 -6.23 -31.54 8.73
N TRP A 273 -6.79 -32.32 7.82
CA TRP A 273 -8.00 -31.93 7.09
C TRP A 273 -8.97 -33.11 7.12
N GLU A 274 -10.11 -32.93 7.80
CA GLU A 274 -11.18 -33.92 7.85
C GLU A 274 -10.66 -35.26 8.37
N GLY A 275 -9.96 -35.21 9.50
CA GLY A 275 -9.43 -36.40 10.11
C GLY A 275 -8.07 -36.81 9.60
N LYS A 276 -7.97 -37.03 8.29
CA LYS A 276 -6.71 -37.43 7.70
C LYS A 276 -5.71 -36.27 7.70
N GLN A 277 -4.43 -36.61 7.76
CA GLN A 277 -3.35 -35.64 7.78
C GLN A 277 -2.64 -35.65 6.43
N HIS A 278 -2.28 -34.45 5.95
CA HIS A 278 -1.64 -34.29 4.66
C HIS A 278 -0.35 -33.50 4.82
N VAL A 279 0.64 -33.82 3.99
CA VAL A 279 1.90 -33.09 3.93
C VAL A 279 2.14 -32.65 2.50
N TRP A 280 3.06 -31.71 2.33
CA TRP A 280 3.35 -31.09 1.04
C TRP A 280 4.63 -31.65 0.43
N THR A 281 4.57 -31.98 -0.87
CA THR A 281 5.76 -32.34 -1.63
C THR A 281 6.51 -31.11 -2.12
N ARG A 282 5.84 -29.97 -2.19
CA ARG A 282 6.40 -28.71 -2.68
C ARG A 282 6.16 -27.64 -1.62
N LEU A 283 6.82 -26.49 -1.76
CA LEU A 283 6.64 -25.46 -0.75
C LEU A 283 5.20 -24.98 -0.72
N PRO A 284 4.61 -24.82 0.47
CA PRO A 284 3.27 -24.26 0.57
C PRO A 284 3.30 -22.75 0.81
N GLN A 285 2.21 -22.12 0.37
CA GLN A 285 2.03 -20.70 0.67
C GLN A 285 1.78 -20.52 2.16
N GLY A 286 2.42 -19.49 2.72
CA GLY A 286 2.39 -19.25 4.14
C GLY A 286 3.65 -19.67 4.87
N PHE A 287 4.51 -20.46 4.22
CA PHE A 287 5.81 -20.78 4.81
C PHE A 287 6.71 -19.55 4.75
N LEU A 288 7.68 -19.49 5.67
CA LEU A 288 8.44 -18.28 5.86
C LEU A 288 9.25 -17.91 4.62
N ASN A 289 10.13 -18.81 4.19
CA ASN A 289 11.07 -18.50 3.12
C ASN A 289 10.56 -18.88 1.73
N SER A 290 9.32 -19.36 1.62
CA SER A 290 8.83 -19.79 0.31
C SER A 290 8.75 -18.67 -0.73
N PRO A 291 8.35 -17.44 -0.40
CA PRO A 291 8.43 -16.38 -1.42
C PRO A 291 9.85 -16.07 -1.87
N ALA A 292 10.80 -16.06 -0.94
CA ALA A 292 12.16 -15.66 -1.28
C ALA A 292 12.84 -16.67 -2.19
N LEU A 293 12.56 -17.96 -2.00
CA LEU A 293 13.18 -18.97 -2.85
C LEU A 293 12.59 -18.94 -4.25
N PHE A 294 11.28 -18.73 -4.36
CA PHE A 294 10.65 -18.65 -5.68
C PHE A 294 11.16 -17.45 -6.45
N THR A 295 11.17 -16.28 -5.81
CA THR A 295 11.64 -15.07 -6.47
C THR A 295 13.11 -15.19 -6.85
N ALA A 296 13.96 -15.64 -5.92
CA ALA A 296 15.38 -15.75 -6.21
C ALA A 296 15.64 -16.73 -7.35
N ASP A 297 14.82 -17.76 -7.47
CA ASP A 297 15.00 -18.72 -8.55
C ASP A 297 14.64 -18.11 -9.89
N VAL A 298 13.53 -17.37 -9.95
CA VAL A 298 13.06 -16.85 -11.24
C VAL A 298 13.94 -15.71 -11.71
N VAL A 299 14.50 -14.91 -10.79
CA VAL A 299 15.40 -13.84 -11.24
C VAL A 299 16.69 -14.44 -11.79
N ASP A 300 17.06 -15.64 -11.36
CA ASP A 300 18.32 -16.23 -11.80
C ASP A 300 18.23 -16.75 -13.23
N LEU A 301 17.07 -17.27 -13.62
CA LEU A 301 16.91 -17.80 -14.98
C LEU A 301 16.97 -16.70 -16.01
N LEU A 302 16.24 -15.61 -15.78
CA LEU A 302 16.25 -14.46 -16.67
C LEU A 302 17.26 -13.40 -16.25
N LYS A 303 18.30 -13.78 -15.49
CA LYS A 303 19.35 -12.84 -15.12
C LYS A 303 20.15 -12.40 -16.34
N ASN A 304 20.33 -13.29 -17.32
CA ASN A 304 21.06 -12.94 -18.52
C ASN A 304 20.24 -12.02 -19.42
N ILE A 305 18.92 -12.15 -19.40
CA ILE A 305 18.06 -11.30 -20.23
C ILE A 305 18.06 -9.89 -19.64
N PRO A 306 18.38 -8.86 -20.42
CA PRO A 306 18.51 -7.51 -19.87
C PRO A 306 17.18 -6.77 -19.76
N GLY A 307 17.17 -5.80 -18.85
CA GLY A 307 16.04 -4.91 -18.66
C GLY A 307 14.72 -5.62 -18.41
N ILE A 308 14.62 -6.32 -17.29
CA ILE A 308 13.42 -7.10 -16.99
C ILE A 308 13.20 -7.19 -15.48
N SER A 309 12.14 -6.54 -15.02
CA SER A 309 11.75 -6.61 -13.62
C SER A 309 10.85 -7.81 -13.38
N VAL A 310 10.75 -8.20 -12.11
CA VAL A 310 9.99 -9.39 -11.73
C VAL A 310 9.63 -9.36 -10.25
N TYR A 311 8.34 -9.50 -9.96
CA TYR A 311 7.83 -9.54 -8.60
C TYR A 311 7.04 -10.84 -8.41
N VAL A 312 7.34 -11.55 -7.32
CA VAL A 312 6.76 -12.85 -6.97
C VAL A 312 6.42 -13.70 -8.19
N ASP A 313 5.17 -13.66 -8.67
CA ASP A 313 4.73 -14.51 -9.76
C ASP A 313 4.44 -13.73 -11.04
N ASP A 314 5.03 -12.54 -11.19
CA ASP A 314 4.81 -11.71 -12.37
C ASP A 314 6.13 -11.28 -12.97
N ILE A 315 6.20 -11.28 -14.29
CA ILE A 315 7.41 -10.95 -15.03
C ILE A 315 7.09 -9.82 -16.01
N TYR A 316 7.88 -8.76 -15.98
CA TYR A 316 7.64 -7.59 -16.83
C TYR A 316 8.91 -7.19 -17.58
N PHE A 317 8.75 -6.82 -18.85
CA PHE A 317 9.82 -6.27 -19.66
C PHE A 317 9.20 -5.37 -20.72
N SER A 318 10.05 -4.75 -21.53
CA SER A 318 9.56 -3.88 -22.59
C SER A 318 10.68 -3.58 -23.56
N THR A 319 10.29 -3.38 -24.84
CA THR A 319 11.22 -3.00 -25.90
C THR A 319 10.52 -1.99 -26.80
N GLU A 320 11.31 -1.36 -27.68
CA GLU A 320 10.75 -0.42 -28.64
C GLU A 320 10.36 -1.09 -29.96
N THR A 321 11.03 -2.17 -30.33
CA THR A 321 10.73 -2.89 -31.56
C THR A 321 9.80 -4.06 -31.25
N VAL A 322 8.71 -4.14 -32.00
CA VAL A 322 7.78 -5.25 -31.84
C VAL A 322 8.44 -6.58 -32.19
N SER A 323 9.38 -6.56 -33.14
CA SER A 323 10.13 -7.77 -33.46
C SER A 323 11.05 -8.17 -32.32
N GLU A 324 11.72 -7.19 -31.70
CA GLU A 324 12.52 -7.47 -30.52
C GLU A 324 11.66 -8.02 -29.40
N HIS A 325 10.45 -7.48 -29.22
CA HIS A 325 9.55 -7.97 -28.19
C HIS A 325 9.14 -9.41 -28.46
N LEU A 326 8.87 -9.74 -29.73
CA LEU A 326 8.47 -11.10 -30.07
C LEU A 326 9.61 -12.09 -29.82
N LYS A 327 10.84 -11.68 -30.10
CA LYS A 327 11.97 -12.58 -29.88
C LYS A 327 12.22 -12.82 -28.40
N ILE A 328 12.02 -11.79 -27.57
CA ILE A 328 12.19 -11.95 -26.13
C ILE A 328 11.14 -12.91 -25.57
N LEU A 329 9.90 -12.80 -26.05
CA LEU A 329 8.85 -13.70 -25.60
C LEU A 329 9.22 -15.16 -25.89
N GLU A 330 9.65 -15.45 -27.12
CA GLU A 330 10.11 -16.79 -27.46
C GLU A 330 11.25 -17.23 -26.55
N LYS A 331 12.23 -16.35 -26.35
CA LYS A 331 13.34 -16.68 -25.46
C LYS A 331 12.86 -16.93 -24.03
N VAL A 332 11.95 -16.09 -23.54
CA VAL A 332 11.44 -16.26 -22.18
C VAL A 332 10.61 -17.53 -22.09
N PHE A 333 9.76 -17.79 -23.09
CA PHE A 333 8.93 -18.99 -23.06
C PHE A 333 9.77 -20.25 -23.04
N LYS A 334 10.88 -20.25 -23.79
CA LYS A 334 11.78 -21.40 -23.75
C LYS A 334 12.32 -21.63 -22.36
N ILE A 335 12.76 -20.56 -21.68
CA ILE A 335 13.34 -20.71 -20.35
C ILE A 335 12.30 -21.21 -19.36
N LEU A 336 11.07 -20.67 -19.44
CA LEU A 336 10.04 -21.10 -18.51
C LEU A 336 9.61 -22.54 -18.75
N LEU A 337 9.63 -22.99 -20.01
CA LEU A 337 9.27 -24.37 -20.30
C LEU A 337 10.38 -25.34 -19.92
N GLU A 338 11.63 -24.99 -20.24
CA GLU A 338 12.76 -25.81 -19.82
C GLU A 338 12.82 -25.95 -18.31
N ALA A 339 12.52 -24.87 -17.58
CA ALA A 339 12.56 -24.90 -16.13
C ALA A 339 11.50 -25.85 -15.57
N GLY A 340 10.24 -25.60 -15.91
CA GLY A 340 9.16 -26.44 -15.43
C GLY A 340 7.96 -25.64 -14.96
N TYR A 341 8.02 -24.32 -15.10
CA TYR A 341 6.92 -23.46 -14.70
C TYR A 341 5.78 -23.58 -15.70
N ILE A 342 4.62 -23.06 -15.30
CA ILE A 342 3.46 -22.94 -16.19
C ILE A 342 2.92 -21.52 -16.08
N VAL A 343 2.38 -21.02 -17.19
CA VAL A 343 1.94 -19.63 -17.32
C VAL A 343 0.42 -19.60 -17.30
N SER A 344 -0.14 -18.67 -16.53
CA SER A 344 -1.57 -18.43 -16.51
C SER A 344 -1.89 -17.33 -17.53
N LEU A 345 -2.62 -17.69 -18.58
CA LEU A 345 -2.94 -16.71 -19.61
C LEU A 345 -4.02 -15.73 -19.17
N LYS A 346 -4.93 -16.16 -18.31
CA LYS A 346 -5.96 -15.26 -17.79
C LYS A 346 -5.39 -14.21 -16.84
N LYS A 347 -4.16 -14.37 -16.39
CA LYS A 347 -3.52 -13.41 -15.49
C LYS A 347 -2.34 -12.70 -16.14
N SER A 348 -2.19 -12.78 -17.47
CA SER A 348 -1.06 -12.20 -18.16
C SER A 348 -1.54 -11.32 -19.31
N ALA A 349 -0.72 -10.33 -19.64
CA ALA A 349 -1.01 -9.38 -20.71
C ALA A 349 0.23 -9.19 -21.55
N LEU A 350 0.08 -9.23 -22.88
CA LEU A 350 1.20 -9.15 -23.80
C LEU A 350 0.96 -8.10 -24.87
N LEU A 351 2.03 -7.38 -25.21
CA LEU A 351 2.08 -6.45 -26.36
C LEU A 351 1.05 -5.33 -26.20
N ARG A 352 1.09 -4.66 -25.06
CA ARG A 352 0.16 -3.59 -24.74
C ARG A 352 0.94 -2.32 -24.43
N TYR A 353 0.55 -1.21 -25.06
CA TYR A 353 1.15 0.07 -24.73
C TYR A 353 0.93 0.40 -23.26
N GLU A 354 -0.25 0.03 -22.74
CA GLU A 354 -0.63 0.25 -21.36
C GLU A 354 -0.89 -1.10 -20.72
N VAL A 355 -0.14 -1.42 -19.67
CA VAL A 355 -0.31 -2.68 -18.96
C VAL A 355 -0.25 -2.42 -17.46
N THR A 356 -1.05 -3.17 -16.71
CA THR A 356 -1.12 -3.03 -15.26
C THR A 356 -0.14 -4.01 -14.62
N PHE A 357 0.88 -3.48 -13.96
CA PHE A 357 1.92 -4.27 -13.31
C PHE A 357 2.02 -3.88 -11.86
N LEU A 358 1.91 -4.88 -10.97
CA LEU A 358 2.06 -4.68 -9.53
C LEU A 358 1.04 -3.66 -9.01
N GLY A 359 -0.19 -3.79 -9.48
CA GLY A 359 -1.26 -2.91 -9.05
C GLY A 359 -1.23 -1.51 -9.65
N PHE A 360 -0.27 -1.20 -10.51
CA PHE A 360 -0.18 0.11 -11.15
C PHE A 360 -0.13 -0.06 -12.66
N SER A 361 -0.64 0.95 -13.37
CA SER A 361 -0.67 0.95 -14.83
C SER A 361 0.58 1.62 -15.37
N ILE A 362 1.33 0.91 -16.21
CA ILE A 362 2.52 1.44 -16.86
C ILE A 362 2.12 1.91 -18.25
N THR A 363 2.20 3.22 -18.47
CA THR A 363 1.75 3.85 -19.71
C THR A 363 2.96 4.38 -20.49
N GLN A 364 2.69 4.98 -21.64
CA GLN A 364 3.71 5.78 -22.30
C GLN A 364 4.02 7.03 -21.49
N THR A 365 2.99 7.63 -20.88
CA THR A 365 3.18 8.82 -20.08
C THR A 365 3.99 8.54 -18.82
N GLY A 366 3.86 7.33 -18.28
CA GLY A 366 4.57 6.96 -17.07
C GLY A 366 3.75 6.03 -16.21
N ARG A 367 4.28 5.70 -15.03
CA ARG A 367 3.53 4.89 -14.07
C ARG A 367 2.31 5.65 -13.57
N GLY A 368 1.18 4.94 -13.47
CA GLY A 368 -0.06 5.57 -13.09
C GLY A 368 -1.00 4.61 -12.39
N LEU A 369 -2.02 5.18 -11.74
CA LEU A 369 -3.01 4.40 -11.04
C LEU A 369 -3.93 3.66 -12.01
N THR A 370 -4.48 2.55 -11.55
CA THR A 370 -5.40 1.76 -12.36
C THR A 370 -6.75 2.48 -12.47
N SER A 371 -7.33 2.44 -13.66
CA SER A 371 -8.67 3.00 -13.84
C SER A 371 -9.68 2.30 -12.93
N GLU A 372 -9.54 0.98 -12.76
CA GLU A 372 -10.40 0.27 -11.82
C GLU A 372 -10.15 0.71 -10.39
N PHE A 373 -8.91 1.10 -10.06
CA PHE A 373 -8.63 1.64 -8.74
C PHE A 373 -9.31 2.98 -8.56
N LYS A 374 -9.27 3.84 -9.58
CA LYS A 374 -9.93 5.14 -9.51
C LYS A 374 -11.45 4.96 -9.41
N ASP A 375 -12.00 3.97 -10.11
CA ASP A 375 -13.44 3.70 -10.01
C ASP A 375 -13.80 3.19 -8.62
N LYS A 376 -12.92 2.39 -8.01
CA LYS A 376 -13.16 1.91 -6.65
C LYS A 376 -13.14 3.06 -5.65
N ILE A 377 -12.31 4.07 -5.88
CA ILE A 377 -12.22 5.19 -4.95
C ILE A 377 -13.54 5.95 -4.88
N GLN A 378 -14.13 6.22 -6.06
CA GLN A 378 -15.31 7.09 -6.11
C GLN A 378 -16.51 6.44 -5.43
N ASN A 379 -16.65 5.12 -5.57
CA ASN A 379 -17.79 4.39 -4.99
C ASN A 379 -17.40 3.81 -3.63
N ILE A 380 -16.95 4.69 -2.73
CA ILE A 380 -16.59 4.32 -1.37
C ILE A 380 -17.53 5.06 -0.42
N THR A 381 -18.29 4.30 0.37
CA THR A 381 -19.17 4.89 1.35
C THR A 381 -18.38 5.38 2.55
N SER A 382 -19.04 6.18 3.39
CA SER A 382 -18.42 6.61 4.63
C SER A 382 -18.28 5.42 5.57
N PRO A 383 -17.15 5.29 6.27
CA PRO A 383 -16.95 4.14 7.14
C PRO A 383 -17.86 4.18 8.36
N ARG A 384 -18.07 3.00 8.94
CA ARG A 384 -18.87 2.87 10.16
C ARG A 384 -18.17 2.12 11.28
N THR A 385 -17.19 1.26 10.98
CA THR A 385 -16.48 0.49 11.98
C THR A 385 -14.98 0.68 11.81
N LEU A 386 -14.22 0.13 12.77
CA LEU A 386 -12.78 0.21 12.70
C LEU A 386 -12.23 -0.58 11.51
N LYS A 387 -12.79 -1.76 11.26
CA LYS A 387 -12.34 -2.56 10.12
C LYS A 387 -12.63 -1.87 8.80
N GLU A 388 -13.76 -1.16 8.72
CA GLU A 388 -14.09 -0.41 7.50
C GLU A 388 -13.09 0.72 7.28
N LEU A 389 -12.80 1.49 8.33
CA LEU A 389 -11.86 2.60 8.19
C LEU A 389 -10.46 2.10 7.85
N GLN A 390 -10.03 1.02 8.50
CA GLN A 390 -8.72 0.46 8.22
C GLN A 390 -8.61 0.02 6.76
N SER A 391 -9.67 -0.58 6.22
CA SER A 391 -9.68 -0.98 4.82
C SER A 391 -9.59 0.24 3.91
N ILE A 392 -10.27 1.32 4.28
CA ILE A 392 -10.23 2.54 3.48
C ILE A 392 -8.83 3.12 3.48
N LEU A 393 -8.20 3.17 4.66
CA LEU A 393 -6.85 3.76 4.76
C LEU A 393 -5.84 2.93 3.98
N GLY A 394 -5.91 1.60 4.12
CA GLY A 394 -4.98 0.75 3.40
C GLY A 394 -5.14 0.85 1.89
N LEU A 395 -6.39 1.00 1.43
CA LEU A 395 -6.61 1.16 -0.01
C LEU A 395 -6.02 2.49 -0.49
N PHE A 396 -6.22 3.56 0.29
CA PHE A 396 -5.75 4.88 -0.12
C PHE A 396 -4.24 4.96 -0.13
N ASN A 397 -3.55 4.12 0.66
CA ASN A 397 -2.11 4.26 0.85
C ASN A 397 -1.33 3.99 -0.42
N PHE A 398 -1.95 3.31 -1.40
CA PHE A 398 -1.22 2.92 -2.61
C PHE A 398 -0.62 4.13 -3.34
N ALA A 399 -1.18 5.32 -3.13
CA ALA A 399 -0.75 6.52 -3.84
C ALA A 399 0.03 7.48 -2.95
N ARG A 400 0.65 6.99 -1.87
CA ARG A 400 1.45 7.87 -1.03
C ARG A 400 2.64 8.42 -1.79
N ASN A 401 3.26 7.61 -2.64
CA ASN A 401 4.37 8.08 -3.47
C ASN A 401 3.90 8.89 -4.68
N PHE A 402 2.59 8.99 -4.92
CA PHE A 402 2.06 9.63 -6.11
C PHE A 402 1.74 11.10 -5.92
N VAL A 403 1.41 11.53 -4.72
CA VAL A 403 1.04 12.93 -4.48
C VAL A 403 1.73 13.43 -3.22
N PRO A 404 2.30 14.63 -3.24
CA PRO A 404 2.84 15.20 -2.00
C PRO A 404 1.73 15.59 -1.05
N ASN A 405 2.12 15.93 0.18
CA ASN A 405 1.19 16.27 1.25
C ASN A 405 0.18 15.16 1.52
N PHE A 406 0.54 13.91 1.18
CA PHE A 406 -0.36 12.79 1.43
C PHE A 406 -0.54 12.54 2.91
N SER A 407 0.57 12.52 3.66
CA SER A 407 0.46 12.37 5.11
C SER A 407 -0.26 13.55 5.75
N GLU A 408 -0.14 14.74 5.15
CA GLU A 408 -0.91 15.89 5.62
C GLU A 408 -2.40 15.63 5.51
N ILE A 409 -2.87 15.33 4.30
CA ILE A 409 -4.30 15.23 4.04
C ILE A 409 -4.92 14.00 4.67
N ILE A 410 -4.13 12.99 5.04
CA ILE A 410 -4.66 11.77 5.63
C ILE A 410 -4.41 11.67 7.12
N LYS A 411 -3.66 12.62 7.71
CA LYS A 411 -3.37 12.57 9.13
C LYS A 411 -4.61 12.56 10.02
N PRO A 412 -5.66 13.35 9.77
CA PRO A 412 -6.85 13.28 10.66
C PRO A 412 -7.47 11.91 10.73
N LEU A 413 -7.60 11.21 9.59
CA LEU A 413 -8.18 9.88 9.61
C LEU A 413 -7.29 8.90 10.38
N TYR A 414 -5.98 9.02 10.20
CA TYR A 414 -5.06 8.21 10.99
C TYR A 414 -5.08 8.63 12.46
N SER A 415 -5.35 9.90 12.73
CA SER A 415 -5.52 10.32 14.13
C SER A 415 -6.87 9.87 14.68
N LEU A 416 -7.88 9.77 13.81
CA LEU A 416 -9.19 9.30 14.25
C LEU A 416 -9.17 7.83 14.64
N ILE A 417 -8.25 7.05 14.05
CA ILE A 417 -8.15 5.64 14.41
C ILE A 417 -7.57 5.49 15.81
N SER A 418 -6.78 6.46 16.26
CA SER A 418 -6.20 6.40 17.59
C SER A 418 -7.20 6.80 18.67
N THR A 419 -8.00 7.84 18.40
CA THR A 419 -9.05 8.23 19.34
C THR A 419 -10.17 7.22 19.39
N ALA A 420 -10.33 6.41 18.35
CA ALA A 420 -11.39 5.42 18.31
C ALA A 420 -11.15 4.33 19.37
N GLU A 421 -12.21 3.99 20.09
CA GLU A 421 -12.18 2.92 21.07
C GLU A 421 -13.02 1.75 20.58
N GLY A 422 -12.66 0.55 21.02
CA GLY A 422 -13.43 -0.63 20.66
C GLY A 422 -13.41 -0.86 19.16
N ASN A 423 -14.60 -0.92 18.56
CA ASN A 423 -14.75 -1.15 17.13
C ASN A 423 -15.44 0.01 16.42
N ASN A 424 -15.82 1.07 17.14
CA ASN A 424 -16.47 2.22 16.54
C ASN A 424 -15.55 3.42 16.56
N ILE A 425 -15.53 4.16 15.47
CA ILE A 425 -14.72 5.37 15.32
C ILE A 425 -15.65 6.57 15.27
N LYS A 426 -15.28 7.64 15.96
CA LYS A 426 -16.09 8.85 16.02
C LYS A 426 -15.98 9.59 14.68
N TRP A 427 -17.02 9.48 13.86
CA TRP A 427 -17.07 10.11 12.55
C TRP A 427 -17.97 11.34 12.60
N THR A 428 -17.54 12.40 11.91
CA THR A 428 -18.25 13.67 11.89
C THR A 428 -18.55 14.06 10.45
N SER A 429 -19.34 15.14 10.32
CA SER A 429 -19.62 15.70 9.00
C SER A 429 -18.44 16.48 8.43
N GLU A 430 -17.42 16.75 9.24
CA GLU A 430 -16.17 17.30 8.72
C GLU A 430 -15.27 16.21 8.14
N HIS A 431 -15.38 14.99 8.67
CA HIS A 431 -14.57 13.89 8.16
C HIS A 431 -15.02 13.46 6.77
N THR A 432 -16.33 13.47 6.51
CA THR A 432 -16.81 13.10 5.19
C THR A 432 -16.36 14.11 4.14
N ARG A 433 -16.37 15.39 4.48
CA ARG A 433 -15.83 16.41 3.58
C ARG A 433 -14.34 16.20 3.34
N TYR A 434 -13.62 15.74 4.36
CA TYR A 434 -12.20 15.42 4.17
C TYR A 434 -12.05 14.26 3.18
N LEU A 435 -12.93 13.26 3.28
CA LEU A 435 -12.80 12.09 2.43
C LEU A 435 -13.09 12.44 0.97
N GLU A 436 -14.13 13.23 0.71
CA GLU A 436 -14.39 13.68 -0.65
C GLU A 436 -13.22 14.50 -1.18
N GLU A 437 -12.57 15.29 -0.32
CA GLU A 437 -11.39 16.03 -0.75
C GLU A 437 -10.22 15.09 -1.03
N ILE A 438 -10.03 14.07 -0.19
CA ILE A 438 -9.04 13.03 -0.48
C ILE A 438 -9.32 12.39 -1.82
N VAL A 439 -10.59 12.02 -2.04
CA VAL A 439 -10.96 11.29 -3.25
C VAL A 439 -10.74 12.15 -4.48
N SER A 440 -11.11 13.43 -4.40
CA SER A 440 -10.93 14.33 -5.54
C SER A 440 -9.45 14.57 -5.82
N ALA A 441 -8.62 14.67 -4.78
CA ALA A 441 -7.20 14.83 -4.98
C ALA A 441 -6.58 13.60 -5.63
N LEU A 442 -7.04 12.41 -5.23
CA LEU A 442 -6.54 11.19 -5.86
C LEU A 442 -7.04 11.05 -7.28
N ASN A 443 -8.24 11.57 -7.58
CA ASN A 443 -8.73 11.54 -8.95
C ASN A 443 -7.90 12.44 -9.85
N HIS A 444 -7.49 13.60 -9.34
CA HIS A 444 -6.62 14.53 -10.07
C HIS A 444 -5.14 14.16 -9.90
N ALA A 445 -4.84 12.88 -10.05
CA ALA A 445 -3.48 12.38 -9.89
C ALA A 445 -2.67 12.65 -11.16
N GLY A 446 -1.39 12.30 -11.11
CA GLY A 446 -0.51 12.47 -12.25
C GLY A 446 0.48 11.33 -12.34
N ASN A 447 0.84 10.97 -13.57
CA ASN A 447 1.80 9.91 -13.80
C ASN A 447 3.20 10.37 -13.41
N LEU A 448 4.01 9.42 -12.95
CA LEU A 448 5.39 9.68 -12.58
C LEU A 448 6.34 9.06 -13.58
N GLU A 449 7.59 9.54 -13.57
CA GLU A 449 8.63 9.00 -14.42
C GLU A 449 9.24 7.76 -13.76
N GLN A 450 10.12 7.10 -14.51
CA GLN A 450 10.79 5.90 -14.04
C GLN A 450 12.27 6.17 -13.82
N ARG A 451 12.82 5.59 -12.76
CA ARG A 451 14.23 5.73 -12.46
C ARG A 451 15.09 5.04 -13.53
N ASP A 452 16.18 5.70 -13.91
CA ASP A 452 17.15 5.14 -14.84
C ASP A 452 18.48 4.93 -14.14
N ASN A 453 19.18 3.87 -14.53
CA ASN A 453 20.44 3.49 -13.88
C ASN A 453 21.61 4.39 -14.26
N GLU A 454 21.46 5.23 -15.28
CA GLU A 454 22.57 6.07 -15.72
C GLU A 454 22.72 7.32 -14.87
N SER A 455 21.61 8.00 -14.60
CA SER A 455 21.66 9.29 -13.92
C SER A 455 21.83 9.11 -12.41
N PRO A 456 22.58 9.99 -11.75
CA PRO A 456 22.62 9.95 -10.29
C PRO A 456 21.34 10.51 -9.69
N LEU A 457 20.88 9.88 -8.61
CA LEU A 457 19.61 10.29 -7.99
C LEU A 457 19.75 11.64 -7.31
N VAL A 458 18.73 12.46 -7.47
CA VAL A 458 18.67 13.78 -6.85
C VAL A 458 17.38 13.89 -6.06
N VAL A 459 17.48 14.43 -4.84
CA VAL A 459 16.32 14.64 -3.98
C VAL A 459 16.19 16.13 -3.70
N LYS A 460 14.95 16.61 -3.69
CA LYS A 460 14.62 17.98 -3.33
C LYS A 460 13.65 17.93 -2.17
N LEU A 461 14.02 18.55 -1.05
CA LEU A 461 13.21 18.50 0.15
C LEU A 461 13.06 19.89 0.74
N ASN A 462 11.85 20.21 1.19
CA ASN A 462 11.54 21.47 1.83
C ASN A 462 10.52 21.21 2.93
N ALA A 463 10.51 22.06 3.95
CA ALA A 463 9.70 21.79 5.13
C ALA A 463 8.99 23.05 5.61
N SER A 464 7.67 22.94 5.77
CA SER A 464 6.89 23.92 6.51
C SER A 464 7.01 23.63 7.99
N PRO A 465 6.58 24.55 8.87
CA PRO A 465 6.65 24.26 10.31
C PRO A 465 5.72 23.13 10.76
N LYS A 466 4.93 22.56 9.85
CA LYS A 466 4.03 21.46 10.18
C LYS A 466 4.30 20.17 9.43
N THR A 467 4.98 20.22 8.28
CA THR A 467 5.21 19.03 7.49
C THR A 467 6.46 19.20 6.64
N GLY A 468 7.16 18.10 6.41
CA GLY A 468 8.29 18.06 5.48
C GLY A 468 7.88 17.43 4.16
N TYR A 469 8.37 18.00 3.07
CA TYR A 469 8.00 17.57 1.72
C TYR A 469 9.24 17.07 1.00
N ILE A 470 9.10 15.94 0.31
CA ILE A 470 10.21 15.29 -0.38
C ILE A 470 9.83 15.08 -1.84
N ARG A 471 10.81 15.25 -2.72
CA ARG A 471 10.63 15.06 -4.16
C ARG A 471 11.81 14.27 -4.70
N TYR A 472 11.54 13.35 -5.63
CA TYR A 472 12.57 12.49 -6.20
C TYR A 472 12.60 12.69 -7.71
N TYR A 473 13.76 13.12 -8.22
CA TYR A 473 13.96 13.34 -9.64
C TYR A 473 15.21 12.59 -10.10
N ASN A 474 15.54 12.77 -11.37
CA ASN A 474 16.83 12.39 -11.93
C ASN A 474 17.60 13.67 -12.25
N LYS A 475 18.92 13.54 -12.33
CA LYS A 475 19.76 14.70 -12.64
C LYS A 475 19.42 15.22 -14.03
N GLY A 476 18.89 16.44 -14.09
CA GLY A 476 18.44 17.02 -15.33
C GLY A 476 17.07 16.56 -15.79
N GLY A 477 16.31 15.87 -14.92
CA GLY A 477 15.01 15.38 -15.30
C GLY A 477 13.90 16.38 -15.03
N GLN A 478 12.81 16.23 -15.78
CA GLN A 478 11.66 17.13 -15.66
C GLN A 478 10.61 16.58 -14.70
N LYS A 479 10.05 15.40 -15.01
CA LYS A 479 9.03 14.82 -14.16
C LYS A 479 9.67 14.09 -12.98
N PRO A 480 9.03 14.13 -11.81
CA PRO A 480 9.59 13.44 -10.65
C PRO A 480 9.31 11.95 -10.67
N ILE A 481 10.18 11.21 -9.98
CA ILE A 481 10.01 9.76 -9.90
C ILE A 481 9.00 9.39 -8.81
N ALA A 482 8.97 10.14 -7.71
CA ALA A 482 8.05 9.84 -6.62
C ALA A 482 7.95 11.06 -5.71
N TYR A 483 6.93 11.04 -4.85
CA TYR A 483 6.75 12.03 -3.82
C TYR A 483 6.80 11.36 -2.45
N ALA A 484 7.08 12.16 -1.43
CA ALA A 484 7.13 11.66 -0.07
C ALA A 484 6.84 12.80 0.90
N SER A 485 6.03 12.52 1.90
CA SER A 485 5.62 13.53 2.88
C SER A 485 5.58 12.89 4.26
N HIS A 486 5.91 13.70 5.27
CA HIS A 486 5.93 13.23 6.65
C HIS A 486 5.60 14.40 7.56
N VAL A 487 4.46 14.32 8.25
CA VAL A 487 4.09 15.34 9.23
C VAL A 487 4.87 15.13 10.51
N PHE A 488 5.22 16.23 11.17
CA PHE A 488 5.98 16.15 12.41
C PHE A 488 5.06 15.77 13.57
N THR A 489 5.53 14.87 14.41
CA THR A 489 4.77 14.42 15.57
C THR A 489 4.87 15.45 16.70
N ASN A 490 4.17 15.18 17.81
CA ASN A 490 4.25 16.06 18.96
C ASN A 490 5.68 16.18 19.47
N THR A 491 6.46 15.12 19.36
CA THR A 491 7.88 15.19 19.70
C THR A 491 8.61 16.13 18.75
N GLU A 492 8.33 16.02 17.45
CA GLU A 492 9.08 16.69 16.40
C GLU A 492 8.61 18.13 16.14
N LEU A 493 7.43 18.51 16.63
CA LEU A 493 6.92 19.85 16.38
C LEU A 493 7.64 20.91 17.20
N LYS A 494 8.17 20.54 18.37
CA LYS A 494 8.93 21.45 19.22
C LYS A 494 10.36 21.65 18.74
N PHE A 495 10.69 21.19 17.54
CA PHE A 495 12.04 21.27 17.02
C PHE A 495 12.32 22.63 16.41
N THR A 496 13.59 23.00 16.36
CA THR A 496 13.98 24.19 15.61
C THR A 496 13.83 23.90 14.12
N PRO A 497 13.55 24.93 13.31
CA PRO A 497 13.35 24.68 11.87
C PRO A 497 14.52 23.97 11.20
N LEU A 498 15.75 24.25 11.63
CA LEU A 498 16.89 23.47 11.13
C LEU A 498 16.73 22.00 11.47
N GLU A 499 16.21 21.69 12.66
CA GLU A 499 16.03 20.29 13.06
C GLU A 499 14.89 19.65 12.28
N LYS A 500 13.84 20.41 11.98
CA LYS A 500 12.73 19.86 11.21
C LYS A 500 13.16 19.49 9.79
N LEU A 501 14.07 20.27 9.20
CA LEU A 501 14.57 19.94 7.88
C LEU A 501 15.36 18.64 7.90
N LEU A 502 16.09 18.38 8.99
CA LEU A 502 16.88 17.16 9.07
C LEU A 502 15.98 15.94 9.27
N VAL A 503 14.89 16.09 10.02
CA VAL A 503 13.92 15.00 10.13
C VAL A 503 13.37 14.64 8.76
N THR A 504 13.14 15.64 7.91
CA THR A 504 12.67 15.38 6.56
C THR A 504 13.75 14.70 5.74
N MET A 505 15.00 15.10 5.92
CA MET A 505 16.10 14.49 5.16
C MET A 505 16.27 13.02 5.54
N HIS A 506 16.05 12.69 6.82
CA HIS A 506 16.13 11.30 7.26
C HIS A 506 15.23 10.39 6.43
N LYS A 507 13.95 10.74 6.31
CA LYS A 507 13.01 9.90 5.58
C LYS A 507 13.37 9.84 4.10
N ALA A 508 13.90 10.94 3.56
CA ALA A 508 14.29 10.96 2.16
C ALA A 508 15.41 9.99 1.85
N LEU A 509 16.30 9.75 2.83
CA LEU A 509 17.51 8.99 2.54
C LEU A 509 17.27 7.49 2.58
N ILE A 510 16.29 7.02 3.37
CA ILE A 510 15.93 5.61 3.33
C ILE A 510 15.38 5.24 1.96
N LYS A 511 14.37 5.99 1.49
CA LYS A 511 13.82 5.71 0.17
C LYS A 511 14.83 5.96 -0.93
N ALA A 512 15.74 6.91 -0.72
CA ALA A 512 16.79 7.15 -1.71
C ALA A 512 17.72 5.95 -1.83
N ILE A 513 18.05 5.33 -0.69
CA ILE A 513 18.91 4.14 -0.72
C ILE A 513 18.23 3.02 -1.50
N ASP A 514 16.92 2.86 -1.33
CA ASP A 514 16.17 1.89 -2.12
C ASP A 514 16.13 2.26 -3.59
N LEU A 515 16.15 3.56 -3.90
CA LEU A 515 16.09 4.08 -5.26
C LEU A 515 17.46 4.45 -5.81
N ALA A 516 18.53 4.29 -5.02
CA ALA A 516 19.85 4.75 -5.46
C ALA A 516 20.35 3.98 -6.67
N LEU A 517 20.17 2.65 -6.65
CA LEU A 517 20.65 1.79 -7.73
C LEU A 517 22.16 1.93 -7.92
N GLY A 518 22.88 2.01 -6.81
CA GLY A 518 24.33 2.11 -6.87
C GLY A 518 24.84 3.39 -7.51
N GLN A 519 24.14 4.50 -7.29
CA GLN A 519 24.50 5.77 -7.89
C GLN A 519 24.61 6.84 -6.81
N PRO A 520 25.42 7.87 -7.04
CA PRO A 520 25.54 8.94 -6.05
C PRO A 520 24.25 9.73 -5.92
N ILE A 521 24.01 10.24 -4.71
CA ILE A 521 22.79 10.97 -4.40
C ILE A 521 23.15 12.43 -4.14
N GLU A 522 22.39 13.33 -4.77
CA GLU A 522 22.54 14.77 -4.56
C GLU A 522 21.31 15.28 -3.83
N VAL A 523 21.53 16.07 -2.78
CA VAL A 523 20.46 16.55 -1.91
C VAL A 523 20.33 18.05 -2.09
N TYR A 524 19.15 18.49 -2.53
CA TYR A 524 18.82 19.91 -2.63
C TYR A 524 17.87 20.26 -1.49
N SER A 525 18.20 21.31 -0.75
CA SER A 525 17.49 21.62 0.48
C SER A 525 17.79 23.06 0.87
N PRO A 526 16.96 23.67 1.74
CA PRO A 526 17.25 25.04 2.19
C PRO A 526 18.40 25.13 3.18
N ILE A 527 19.08 24.02 3.44
CA ILE A 527 20.22 24.04 4.35
C ILE A 527 21.38 24.77 3.69
N ILE A 528 22.00 25.68 4.43
CA ILE A 528 23.06 26.51 3.85
C ILE A 528 24.39 25.77 3.82
N SER A 529 24.68 24.94 4.83
CA SER A 529 25.93 24.20 4.87
C SER A 529 25.79 23.03 5.83
N MET A 530 26.57 21.99 5.58
CA MET A 530 26.58 20.80 6.42
C MET A 530 27.80 20.70 7.31
N GLN A 531 28.93 21.28 6.91
CA GLN A 531 30.11 21.28 7.77
C GLN A 531 29.86 22.07 9.05
N LYS A 532 29.21 23.23 8.93
CA LYS A 532 28.85 24.01 10.11
C LYS A 532 27.78 23.32 10.96
N LEU A 533 26.99 22.42 10.36
CA LEU A 533 25.96 21.72 11.11
C LEU A 533 26.54 20.62 12.00
N GLN A 534 27.79 20.22 11.76
CA GLN A 534 28.38 19.14 12.56
C GLN A 534 28.67 19.59 13.99
N LYS A 535 29.09 20.84 14.15
CA LYS A 535 29.41 21.40 15.46
C LYS A 535 28.37 22.42 15.93
N THR A 536 27.12 22.23 15.54
CA THR A 536 26.05 23.15 15.92
C THR A 536 26.01 23.28 17.44
N PRO A 537 25.99 24.51 17.98
CA PRO A 537 26.00 24.67 19.44
C PRO A 537 24.80 24.01 20.10
N LEU A 538 25.01 23.53 21.32
CA LEU A 538 23.98 22.77 22.02
C LEU A 538 22.72 23.58 22.30
N PRO A 539 22.77 24.86 22.72
CA PRO A 539 21.52 25.60 22.95
C PRO A 539 20.64 25.69 21.72
N GLU A 540 21.21 25.79 20.52
CA GLU A 540 20.41 25.81 19.31
C GLU A 540 19.79 24.45 18.99
N ARG A 541 20.18 23.40 19.69
CA ARG A 541 19.58 22.08 19.53
C ARG A 541 18.40 21.95 20.49
N LYS A 542 17.22 21.71 19.94
CA LYS A 542 16.04 21.41 20.74
C LYS A 542 15.73 19.92 20.79
N ALA A 543 16.49 19.11 20.06
CA ALA A 543 16.36 17.66 20.08
C ALA A 543 17.37 17.06 21.05
N LEU A 544 17.31 15.74 21.19
CA LEU A 544 18.24 15.02 22.05
C LEU A 544 19.43 14.53 21.25
N SER A 545 20.36 13.87 21.94
CA SER A 545 21.59 13.43 21.29
C SER A 545 21.32 12.35 20.24
N THR A 546 20.30 11.52 20.45
CA THR A 546 20.06 10.39 19.56
C THR A 546 19.73 10.86 18.15
N ARG A 547 18.77 11.77 18.01
CA ARG A 547 18.41 12.27 16.69
C ARG A 547 19.59 12.96 16.02
N TRP A 548 20.39 13.70 16.79
CA TRP A 548 21.52 14.40 16.21
C TRP A 548 22.62 13.44 15.76
N ILE A 549 22.71 12.27 16.39
CA ILE A 549 23.77 11.32 16.04
C ILE A 549 23.48 10.68 14.68
N THR A 550 22.22 10.34 14.40
CA THR A 550 21.89 9.72 13.12
C THR A 550 22.20 10.64 11.95
N TRP A 551 21.90 11.94 12.10
CA TRP A 551 22.19 12.89 11.04
C TRP A 551 23.70 13.10 10.87
N LEU A 552 24.44 13.19 11.98
CA LEU A 552 25.89 13.28 11.89
C LEU A 552 26.49 12.04 11.24
N SER A 553 25.88 10.88 11.45
CA SER A 553 26.34 9.65 10.80
C SER A 553 26.10 9.67 9.30
N TYR A 554 25.15 10.48 8.84
CA TYR A 554 24.86 10.52 7.41
C TYR A 554 25.94 11.27 6.65
N LEU A 555 26.64 12.18 7.31
CA LEU A 555 27.69 12.95 6.64
C LEU A 555 28.88 12.09 6.28
N GLU A 556 29.14 11.03 7.05
CA GLU A 556 30.30 10.18 6.82
C GLU A 556 30.20 9.38 5.53
N ASP A 557 29.07 9.43 4.83
CA ASP A 557 28.91 8.71 3.57
C ASP A 557 29.40 9.62 2.45
N PRO A 558 30.49 9.28 1.76
CA PRO A 558 30.99 10.16 0.70
C PRO A 558 30.16 10.13 -0.57
N ARG A 559 29.38 9.06 -0.80
CA ARG A 559 28.66 8.92 -2.06
C ARG A 559 27.60 10.01 -2.21
N ILE A 560 26.97 10.40 -1.11
CA ILE A 560 25.95 11.43 -1.14
C ILE A 560 26.59 12.78 -0.90
N THR A 561 25.97 13.83 -1.44
CA THR A 561 26.45 15.20 -1.28
C THR A 561 25.27 16.14 -1.18
N PHE A 562 25.50 17.27 -0.51
CA PHE A 562 24.44 18.20 -0.17
C PHE A 562 24.68 19.55 -0.82
N TYR A 563 23.59 20.28 -1.09
CA TYR A 563 23.67 21.59 -1.70
C TYR A 563 22.61 22.50 -1.07
N TYR A 564 22.64 23.77 -1.47
CA TYR A 564 21.66 24.76 -1.05
C TYR A 564 20.93 25.25 -2.30
N ASP A 565 19.66 24.86 -2.43
CA ASP A 565 18.83 25.26 -3.57
C ASP A 565 17.98 26.45 -3.13
N LYS A 566 18.48 27.67 -3.43
CA LYS A 566 17.74 28.88 -3.07
C LYS A 566 16.44 29.02 -3.86
N THR A 567 16.28 28.26 -4.94
CA THR A 567 15.04 28.30 -5.71
C THR A 567 13.85 27.78 -4.91
N LEU A 568 14.10 26.96 -3.90
CA LEU A 568 13.02 26.33 -3.16
C LEU A 568 12.12 27.39 -2.51
N PRO A 569 10.81 27.16 -2.45
CA PRO A 569 9.92 28.10 -1.78
C PRO A 569 10.23 28.18 -0.28
N ASP A 570 10.07 29.37 0.27
CA ASP A 570 10.19 29.54 1.71
C ASP A 570 8.86 29.15 2.35
N LEU A 571 8.83 27.99 3.00
CA LEU A 571 7.66 27.55 3.74
C LEU A 571 7.89 27.57 5.25
N LYS A 572 9.08 27.98 5.70
CA LYS A 572 9.39 27.91 7.13
C LYS A 572 8.62 28.95 7.92
N ASN A 573 8.47 30.16 7.37
CA ASN A 573 7.87 31.26 8.11
C ASN A 573 6.46 31.61 7.67
N VAL A 574 5.92 30.94 6.66
CA VAL A 574 4.56 31.28 6.21
C VAL A 574 3.54 30.76 7.22
N PRO A 575 2.54 31.55 7.57
CA PRO A 575 1.47 31.05 8.45
C PRO A 575 0.39 30.33 7.65
N GLU A 576 -0.48 29.65 8.39
CA GLU A 576 -1.62 28.99 7.76
C GLU A 576 -2.56 30.03 7.17
N THR A 577 -3.06 29.77 5.97
CA THR A 577 -3.96 30.70 5.30
C THR A 577 -5.34 30.65 5.93
N VAL A 578 -6.15 31.66 5.60
CA VAL A 578 -7.53 31.70 6.09
C VAL A 578 -8.32 30.55 5.49
N THR A 579 -9.03 29.82 6.34
CA THR A 579 -9.89 28.76 5.87
C THR A 579 -11.11 29.33 5.18
N ASP A 580 -11.44 28.79 4.01
CA ASP A 580 -12.63 29.20 3.26
C ASP A 580 -13.78 28.22 3.39
N LYS A 581 -13.55 27.04 3.98
CA LYS A 581 -14.61 26.08 4.17
C LYS A 581 -15.54 26.53 5.28
N LYS A 582 -16.85 26.40 5.05
CA LYS A 582 -17.84 26.81 6.03
C LYS A 582 -18.00 25.72 7.08
N PRO A 583 -17.82 26.03 8.37
CA PRO A 583 -17.95 24.99 9.40
C PRO A 583 -19.36 24.43 9.44
N LYS A 584 -19.46 23.12 9.15
CA LYS A 584 -20.75 22.44 9.21
C LYS A 584 -21.28 22.48 10.63
N MET A 585 -22.61 22.59 10.74
CA MET A 585 -23.27 22.70 12.03
C MET A 585 -23.92 21.38 12.42
N LEU A 586 -23.75 21.00 13.68
CA LEU A 586 -24.34 19.79 14.23
C LEU A 586 -25.81 20.03 14.55
N PRO A 587 -26.58 18.97 14.79
CA PRO A 587 -27.96 19.17 15.25
C PRO A 587 -27.99 19.88 16.60
N ILE A 588 -29.07 20.64 16.82
CA ILE A 588 -29.17 21.49 18.01
C ILE A 588 -29.14 20.70 19.30
N ILE A 589 -29.42 19.39 19.24
CA ILE A 589 -29.32 18.56 20.44
C ILE A 589 -27.88 18.13 20.72
N GLU A 590 -26.99 18.24 19.74
CA GLU A 590 -25.61 17.81 19.91
C GLU A 590 -24.72 18.88 20.53
N TYR A 591 -25.12 20.15 20.44
CA TYR A 591 -24.31 21.22 21.01
C TYR A 591 -24.36 21.18 22.53
N ALA A 592 -23.20 21.39 23.16
CA ALA A 592 -23.12 21.36 24.62
C ALA A 592 -24.04 22.40 25.24
N ALA A 593 -24.04 23.61 24.69
CA ALA A 593 -24.95 24.65 25.12
C ALA A 593 -25.18 25.59 23.94
N VAL A 594 -26.27 26.35 24.00
CA VAL A 594 -26.61 27.30 22.96
C VAL A 594 -26.83 28.65 23.62
N PHE A 595 -26.17 29.68 23.08
CA PHE A 595 -26.18 31.02 23.65
C PHE A 595 -26.95 31.97 22.75
N TYR A 596 -27.89 32.69 23.33
CA TYR A 596 -28.66 33.70 22.61
C TYR A 596 -28.34 35.05 23.23
N THR A 597 -27.88 35.99 22.41
CA THR A 597 -27.45 37.30 22.87
C THR A 597 -28.18 38.41 22.11
N ASN A 598 -28.53 39.46 22.83
CA ASN A 598 -29.32 40.56 22.29
C ASN A 598 -28.87 41.87 22.92
N GLY A 599 -29.26 42.97 22.29
CA GLY A 599 -28.93 44.29 22.78
C GLY A 599 -30.06 45.26 22.51
N SER A 600 -29.86 46.51 22.92
CA SER A 600 -30.88 47.53 22.76
C SER A 600 -30.24 48.90 22.78
N ALA A 601 -30.95 49.87 22.22
CA ALA A 601 -30.56 51.27 22.24
C ALA A 601 -31.82 52.11 22.44
N ILE A 602 -31.77 53.03 23.39
CA ILE A 602 -32.91 53.89 23.72
C ILE A 602 -32.40 55.31 23.90
N ARG A 603 -33.10 56.28 23.29
CA ARG A 603 -32.74 57.68 23.46
C ARG A 603 -32.84 58.07 24.93
N SER A 604 -31.90 58.89 25.38
CA SER A 604 -31.79 59.25 26.78
C SER A 604 -31.71 60.76 26.94
N PRO A 605 -32.27 61.30 28.03
CA PRO A 605 -32.14 62.73 28.37
C PRO A 605 -30.69 63.10 28.70
N ASN A 608 -29.01 65.54 26.79
CA ASN A 608 -27.59 65.84 26.87
C ASN A 608 -26.86 64.50 26.99
N LYS A 609 -27.49 63.46 26.44
CA LYS A 609 -26.90 62.12 26.37
C LYS A 609 -27.52 61.41 25.18
N SER A 610 -26.74 60.52 24.57
CA SER A 610 -27.19 59.90 23.32
C SER A 610 -28.10 58.71 23.58
N HIS A 611 -27.65 57.74 24.37
CA HIS A 611 -28.36 56.48 24.48
C HIS A 611 -28.38 55.97 25.92
N SER A 612 -29.26 55.01 26.16
CA SER A 612 -29.26 54.18 27.36
C SER A 612 -29.39 52.74 26.88
N SER A 613 -28.27 52.04 26.76
CA SER A 613 -28.22 50.73 26.14
C SER A 613 -28.21 49.61 27.19
N GLY A 614 -28.46 48.40 26.72
CA GLY A 614 -28.53 47.25 27.60
C GLY A 614 -28.10 45.98 26.87
N MET A 615 -27.86 44.94 27.66
CA MET A 615 -27.38 43.67 27.16
C MET A 615 -28.28 42.53 27.63
N GLY A 616 -28.39 41.49 26.81
CA GLY A 616 -29.24 40.36 27.13
C GLY A 616 -28.73 39.05 26.56
N ILE A 617 -28.15 38.21 27.42
CA ILE A 617 -27.66 36.90 27.03
C ILE A 617 -28.34 35.85 27.88
N VAL A 618 -28.48 34.65 27.32
CA VAL A 618 -29.07 33.52 28.03
C VAL A 618 -28.21 32.28 27.82
N HIS A 619 -28.16 31.43 28.84
CA HIS A 619 -27.46 30.15 28.78
C HIS A 619 -28.49 29.06 28.57
N ALA A 620 -28.36 28.30 27.48
CA ALA A 620 -29.36 27.29 27.14
C ALA A 620 -28.68 26.01 26.70
N VAL A 621 -29.12 24.89 27.27
CA VAL A 621 -28.69 23.57 26.86
C VAL A 621 -29.92 22.77 26.44
N PHE A 622 -29.73 21.88 25.47
CA PHE A 622 -30.84 21.10 24.94
C PHE A 622 -30.95 19.75 25.63
N GLU A 625 -35.57 18.89 23.40
CA GLU A 625 -36.14 19.99 24.17
C GLU A 625 -35.12 21.11 24.36
N LEU A 626 -35.58 22.23 24.90
CA LEU A 626 -34.74 23.38 25.18
C LEU A 626 -34.92 23.80 26.63
N THR A 627 -33.82 24.12 27.29
CA THR A 627 -33.82 24.47 28.70
C THR A 627 -33.03 25.75 28.92
N ILE A 628 -33.63 26.71 29.63
CA ILE A 628 -32.97 27.97 29.95
C ILE A 628 -32.14 27.75 31.21
N GLU A 629 -30.82 27.60 31.03
CA GLU A 629 -29.94 27.30 32.15
C GLU A 629 -29.63 28.56 32.97
N HIS A 630 -29.38 29.68 32.30
CA HIS A 630 -29.03 30.92 32.97
C HIS A 630 -29.35 32.09 32.04
N GLN A 631 -29.67 33.24 32.64
CA GLN A 631 -30.03 34.44 31.88
C GLN A 631 -29.42 35.67 32.54
N TRP A 632 -29.09 36.67 31.73
CA TRP A 632 -28.39 37.87 32.17
C TRP A 632 -28.98 39.10 31.50
N SER A 633 -29.12 40.17 32.27
CA SER A 633 -29.67 41.42 31.78
C SER A 633 -29.01 42.54 32.55
N ILE A 634 -28.25 43.36 31.84
CA ILE A 634 -27.43 44.39 32.47
C ILE A 634 -27.42 45.63 31.61
N PRO A 635 -27.22 46.77 32.24
CA PRO A 635 -27.08 48.03 31.51
C PRO A 635 -25.69 48.21 30.96
N LEU A 636 -25.63 49.01 29.90
CA LEU A 636 -24.36 49.46 29.32
C LEU A 636 -24.22 50.97 29.31
N GLY A 637 -25.30 51.72 29.50
CA GLY A 637 -25.19 53.17 29.55
C GLY A 637 -25.27 53.85 28.20
N ASP A 638 -24.43 54.88 28.01
CA ASP A 638 -24.44 55.69 26.79
C ASP A 638 -23.59 54.99 25.73
N HIS A 639 -24.24 54.14 24.93
CA HIS A 639 -23.55 53.38 23.90
C HIS A 639 -24.52 53.08 22.76
N THR A 640 -23.96 52.88 21.57
CA THR A 640 -24.77 52.62 20.39
C THR A 640 -25.34 51.20 20.44
N ALA A 641 -26.32 50.96 19.55
CA ALA A 641 -26.97 49.65 19.51
C ALA A 641 -25.99 48.57 19.08
N GLN A 642 -25.11 48.89 18.13
CA GLN A 642 -24.15 47.89 17.65
C GLN A 642 -23.15 47.52 18.73
N TYR A 643 -22.76 48.49 19.58
CA TYR A 643 -21.83 48.21 20.66
C TYR A 643 -22.43 47.21 21.65
N ALA A 644 -23.73 47.35 21.95
CA ALA A 644 -24.38 46.43 22.87
C ALA A 644 -24.42 45.02 22.31
N GLU A 645 -24.63 44.89 20.99
CA GLU A 645 -24.65 43.57 20.38
C GLU A 645 -23.28 42.91 20.42
N ILE A 646 -22.21 43.68 20.14
CA ILE A 646 -20.86 43.11 20.15
C ILE A 646 -20.48 42.69 21.56
N SER A 647 -20.80 43.51 22.56
CA SER A 647 -20.52 43.12 23.94
C SER A 647 -21.35 41.91 24.34
N ALA A 648 -22.54 41.75 23.76
CA ALA A 648 -23.38 40.60 24.08
C ALA A 648 -22.78 39.31 23.56
N VAL A 649 -22.34 39.30 22.30
CA VAL A 649 -21.74 38.10 21.74
C VAL A 649 -20.35 37.89 22.30
N GLU A 650 -19.68 38.96 22.75
CA GLU A 650 -18.42 38.79 23.46
C GLU A 650 -18.64 38.08 24.79
N PHE A 651 -19.70 38.48 25.50
CA PHE A 651 -20.02 37.85 26.79
C PHE A 651 -20.30 36.36 26.61
N ALA A 652 -20.95 35.99 25.51
CA ALA A 652 -21.25 34.58 25.26
C ALA A 652 -19.99 33.80 24.92
N CYS A 653 -19.01 34.43 24.27
CA CYS A 653 -17.77 33.74 23.94
C CYS A 653 -16.97 33.40 25.20
N LYS A 654 -16.97 34.30 26.19
CA LYS A 654 -16.32 34.00 27.46
C LYS A 654 -17.05 32.87 28.19
N LYS A 655 -18.38 32.93 28.22
CA LYS A 655 -19.16 31.86 28.83
C LYS A 655 -19.01 30.56 28.06
N ALA A 656 -18.91 30.63 26.73
CA ALA A 656 -18.65 29.45 25.93
C ALA A 656 -17.29 28.85 26.24
N ASN A 657 -16.30 29.70 26.55
CA ASN A 657 -14.99 29.21 26.93
C ASN A 657 -15.04 28.34 28.18
N ASN A 658 -16.04 28.57 29.03
CA ASN A 658 -16.16 27.81 30.27
C ASN A 658 -16.73 26.41 30.04
N ILE A 659 -17.60 26.26 29.06
CA ILE A 659 -18.27 24.99 28.77
C ILE A 659 -17.46 24.20 27.76
N SER A 660 -17.29 22.91 28.02
CA SER A 660 -16.59 22.02 27.10
C SER A 660 -17.56 21.45 26.07
N GLY A 661 -17.09 21.33 24.83
CA GLY A 661 -17.90 20.80 23.76
C GLY A 661 -18.34 21.88 22.79
N PRO A 662 -18.82 21.46 21.61
CA PRO A 662 -19.29 22.45 20.63
C PRO A 662 -20.42 23.31 21.18
N VAL A 663 -20.34 24.61 20.89
CA VAL A 663 -21.30 25.58 21.38
C VAL A 663 -21.80 26.42 20.22
N LEU A 664 -23.04 26.89 20.32
CA LEU A 664 -23.68 27.69 19.30
C LEU A 664 -24.15 29.01 19.89
N ILE A 665 -23.83 30.11 19.21
CA ILE A 665 -24.21 31.45 19.65
C ILE A 665 -24.94 32.14 18.51
N VAL A 666 -26.04 32.81 18.84
CA VAL A 666 -26.84 33.54 17.85
C VAL A 666 -27.17 34.92 18.38
N THR A 667 -26.93 35.94 17.56
CA THR A 667 -27.34 37.31 17.83
C THR A 667 -28.64 37.59 17.07
N ASN A 668 -29.21 38.78 17.27
CA ASN A 668 -30.22 39.27 16.34
C ASN A 668 -29.64 40.33 15.40
N SER A 669 -28.32 40.40 15.30
CA SER A 669 -27.63 41.35 14.42
C SER A 669 -26.85 40.56 13.38
N ASP A 670 -27.25 40.68 12.12
CA ASP A 670 -26.52 40.02 11.05
C ASP A 670 -25.12 40.61 10.90
N TYR A 671 -24.94 41.90 11.23
CA TYR A 671 -23.66 42.56 11.01
C TYR A 671 -22.55 41.89 11.81
N VAL A 672 -22.78 41.68 13.12
CA VAL A 672 -21.73 41.14 13.97
C VAL A 672 -21.42 39.70 13.58
N ALA A 673 -22.46 38.90 13.30
CA ALA A 673 -22.24 37.51 12.93
C ALA A 673 -21.57 37.41 11.56
N ARG A 674 -22.02 38.20 10.60
CA ARG A 674 -21.41 38.17 9.28
C ARG A 674 -19.97 38.66 9.32
N SER A 675 -19.73 39.77 10.02
CA SER A 675 -18.37 40.31 10.09
C SER A 675 -17.43 39.34 10.80
N VAL A 676 -17.91 38.68 11.85
CA VAL A 676 -17.07 37.74 12.60
C VAL A 676 -16.63 36.59 11.70
N ASN A 677 -17.58 36.00 10.96
CA ASN A 677 -17.24 34.86 10.11
C ASN A 677 -16.40 35.28 8.91
N GLU A 678 -16.63 36.48 8.39
CA GLU A 678 -16.02 36.89 7.13
C GLU A 678 -14.71 37.65 7.31
N GLU A 679 -14.55 38.44 8.36
CA GLU A 679 -13.39 39.33 8.48
C GLU A 679 -12.59 39.20 9.76
N LEU A 680 -13.11 38.58 10.82
CA LEU A 680 -12.34 38.43 12.05
C LEU A 680 -10.96 37.80 11.84
N PRO A 681 -10.76 36.80 10.97
CA PRO A 681 -9.39 36.34 10.71
C PRO A 681 -8.51 37.42 10.10
N PHE A 682 -9.02 38.19 9.14
CA PHE A 682 -8.23 39.25 8.54
C PHE A 682 -8.00 40.39 9.53
N TRP A 683 -9.03 40.75 10.29
CA TRP A 683 -8.87 41.76 11.34
C TRP A 683 -7.83 41.32 12.37
N ARG A 684 -7.77 40.03 12.65
CA ARG A 684 -6.80 39.49 13.61
C ARG A 684 -5.37 39.76 13.16
N SER A 685 -5.11 39.67 11.86
CA SER A 685 -3.75 39.75 11.36
C SER A 685 -3.30 41.18 11.08
N ASN A 686 -4.18 42.02 10.53
CA ASN A 686 -3.81 43.37 10.14
C ASN A 686 -3.94 44.38 11.28
N GLY A 687 -3.94 43.91 12.53
CA GLY A 687 -4.01 44.83 13.65
C GLY A 687 -5.38 45.44 13.87
N PHE A 688 -6.44 44.84 13.34
CA PHE A 688 -7.81 45.31 13.52
C PHE A 688 -7.99 46.70 12.91
N VAL A 689 -7.89 46.74 11.58
CA VAL A 689 -8.11 47.94 10.78
C VAL A 689 -9.18 47.64 9.73
N ASN A 690 -9.90 48.68 9.31
CA ASN A 690 -11.03 48.53 8.40
C ASN A 690 -10.56 48.64 6.95
N ASN A 691 -11.52 48.81 6.03
CA ASN A 691 -11.17 48.93 4.62
C ASN A 691 -10.38 50.19 4.34
N LYS A 692 -10.72 51.28 5.01
CA LYS A 692 -9.97 52.54 4.91
C LYS A 692 -8.68 52.54 5.72
N LYS A 693 -8.22 51.35 6.15
CA LYS A 693 -6.99 51.21 6.94
C LYS A 693 -7.04 52.05 8.21
N LYS A 694 -8.23 52.14 8.80
CA LYS A 694 -8.45 52.89 10.02
C LYS A 694 -8.90 51.95 11.14
N PRO A 695 -8.59 52.26 12.39
CA PRO A 695 -8.97 51.37 13.49
C PRO A 695 -10.48 51.19 13.57
N LEU A 696 -10.91 49.93 13.66
CA LEU A 696 -12.33 49.66 13.88
C LEU A 696 -12.81 50.29 15.18
N LYS A 697 -14.08 50.67 15.19
CA LYS A 697 -14.73 50.97 16.45
C LYS A 697 -14.95 49.66 17.21
N HIS A 698 -14.93 49.77 18.54
CA HIS A 698 -15.08 48.61 19.41
C HIS A 698 -13.94 47.61 19.21
N ILE A 699 -12.74 48.15 18.99
CA ILE A 699 -11.59 47.30 18.67
C ILE A 699 -11.24 46.40 19.86
N SER A 700 -11.22 46.96 21.07
CA SER A 700 -10.97 46.16 22.26
C SER A 700 -12.01 45.07 22.42
N LYS A 701 -13.26 45.34 22.03
CA LYS A 701 -14.28 44.30 22.09
C LYS A 701 -14.05 43.24 21.03
N TRP A 702 -13.55 43.63 19.86
CA TRP A 702 -13.23 42.66 18.82
C TRP A 702 -12.05 41.78 19.24
N LYS A 703 -11.10 42.35 19.98
CA LYS A 703 -9.94 41.57 20.42
C LYS A 703 -10.35 40.46 21.38
N ASN A 704 -11.28 40.76 22.29
CA ASN A 704 -11.72 39.76 23.25
C ASN A 704 -12.47 38.62 22.55
N ILE A 705 -13.32 38.97 21.58
CA ILE A 705 -14.00 37.95 20.78
C ILE A 705 -12.99 37.14 20.00
N SER A 706 -12.01 37.83 19.41
CA SER A 706 -10.96 37.16 18.63
C SER A 706 -10.27 36.06 19.43
N ASP A 707 -9.77 36.40 20.61
CA ASP A 707 -8.97 35.44 21.36
C ASP A 707 -9.83 34.36 22.00
N SER A 708 -11.07 34.66 22.36
CA SER A 708 -11.97 33.61 22.81
C SER A 708 -12.30 32.63 21.68
N LEU A 709 -12.31 33.10 20.43
CA LEU A 709 -12.55 32.22 19.30
C LEU A 709 -11.35 31.31 19.04
N LEU A 710 -10.14 31.79 19.34
CA LEU A 710 -8.93 30.97 19.18
C LEU A 710 -8.81 29.92 20.26
N LEU A 711 -9.13 30.28 21.50
CA LEU A 711 -9.03 29.34 22.61
C LEU A 711 -9.98 28.15 22.44
N LYS A 712 -11.14 28.38 21.85
CA LYS A 712 -12.17 27.36 21.64
C LYS A 712 -12.58 27.42 20.17
N ARG A 713 -11.98 26.57 19.34
CA ARG A 713 -12.18 26.67 17.90
C ARG A 713 -13.43 25.96 17.41
N ASP A 714 -14.12 25.20 18.26
CA ASP A 714 -15.38 24.57 17.88
C ASP A 714 -16.59 25.45 18.18
N ILE A 715 -16.38 26.74 18.49
CA ILE A 715 -17.47 27.68 18.63
C ILE A 715 -17.95 28.09 17.25
N ILE A 716 -19.26 28.08 17.04
CA ILE A 716 -19.87 28.45 15.77
C ILE A 716 -20.76 29.65 16.01
N ILE A 717 -20.36 30.80 15.47
CA ILE A 717 -21.16 32.01 15.52
C ILE A 717 -22.00 32.10 14.25
N VAL A 718 -23.30 32.31 14.42
CA VAL A 718 -24.22 32.46 13.29
C VAL A 718 -25.44 33.21 13.79
N HIS A 719 -26.14 33.86 12.86
CA HIS A 719 -27.40 34.52 13.17
C HIS A 719 -28.38 34.29 12.04
N GLU A 720 -29.60 33.92 12.39
CA GLU A 720 -30.63 33.59 11.40
C GLU A 720 -31.83 34.53 11.47
N PRO A 721 -32.27 34.99 12.67
CA PRO A 721 -33.39 35.95 12.65
C PRO A 721 -33.13 37.20 11.83
N THR A 728 -40.46 33.32 12.41
CA THR A 728 -40.77 32.43 13.53
C THR A 728 -40.05 31.09 13.38
N SER A 729 -39.20 30.75 14.35
CA SER A 729 -38.43 29.52 14.33
C SER A 729 -38.20 29.08 15.76
N ILE A 730 -37.41 28.01 15.92
CA ILE A 730 -37.08 27.53 17.26
C ILE A 730 -36.19 28.53 17.98
N HIS A 731 -35.21 29.10 17.27
CA HIS A 731 -34.34 30.11 17.84
C HIS A 731 -35.07 31.43 18.06
N THR A 732 -36.28 31.60 17.52
CA THR A 732 -37.00 32.84 17.71
C THR A 732 -37.53 32.98 19.13
N GLN A 733 -37.86 31.86 19.77
CA GLN A 733 -38.40 31.90 21.13
C GLN A 733 -37.39 32.49 22.10
N GLY A 734 -36.14 32.03 22.02
CA GLY A 734 -35.10 32.55 22.89
C GLY A 734 -34.52 33.86 22.44
N ASN A 735 -34.51 34.12 21.13
CA ASN A 735 -34.16 35.45 20.64
C ASN A 735 -35.11 36.49 21.21
N ASN A 736 -36.41 36.18 21.25
CA ASN A 736 -37.36 37.07 21.88
C ASN A 736 -37.08 37.22 23.37
N LEU A 737 -36.66 36.13 24.03
CA LEU A 737 -36.34 36.20 25.45
C LEU A 737 -35.13 37.08 25.69
N ALA A 738 -34.06 36.87 24.92
CA ALA A 738 -32.87 37.68 25.08
C ALA A 738 -33.12 39.14 24.70
N ASP A 739 -34.01 39.39 23.74
CA ASP A 739 -34.37 40.76 23.40
C ASP A 739 -35.07 41.44 24.57
N LYS A 740 -35.97 40.71 25.25
CA LYS A 740 -36.66 41.26 26.41
C LYS A 740 -35.68 41.65 27.51
N LEU A 741 -34.64 40.83 27.73
CA LEU A 741 -33.64 41.12 28.76
C LEU A 741 -32.83 42.36 28.43
N ALA A 742 -32.57 42.62 27.15
CA ALA A 742 -31.76 43.78 26.78
C ALA A 742 -32.46 45.08 27.15
N THR A 743 -33.79 45.14 26.97
CA THR A 743 -34.54 46.33 27.32
C THR A 743 -34.46 46.62 28.82
N GLN A 744 -34.62 45.57 29.64
CA GLN A 744 -34.59 45.75 31.09
C GLN A 744 -33.23 46.26 31.55
N GLY A 745 -32.15 45.75 30.97
CA GLY A 745 -30.83 46.28 31.29
C GLY A 745 -30.72 47.75 30.97
N SER A 746 -31.23 48.16 29.80
CA SER A 746 -31.08 49.54 29.35
C SER A 746 -31.74 50.53 30.31
N TYR A 747 -32.80 50.12 31.02
CA TYR A 747 -33.57 51.05 31.83
C TYR A 747 -32.94 51.28 33.21
N THR A 748 -32.24 50.29 33.76
CA THR A 748 -31.80 50.37 35.15
C THR A 748 -30.93 51.58 35.43
N VAL A 749 -30.29 52.16 34.41
CA VAL A 749 -29.46 53.34 34.58
C VAL A 749 -30.24 54.49 35.20
#